data_2HEK
#
_entry.id   2HEK
#
_cell.length_a   107.687
_cell.length_b   144.413
_cell.length_c   144.677
_cell.angle_alpha   90.00
_cell.angle_beta   90.00
_cell.angle_gamma   90.00
#
_symmetry.space_group_name_H-M   'C 2 2 21'
#
loop_
_entity.id
_entity.type
_entity.pdbx_description
1 polymer 'Hypothetical protein'
2 non-polymer 'PHOSPHATE ION'
3 non-polymer 'ZINC ION'
4 non-polymer 'CHLORIDE ION'
5 non-polymer "GUANOSINE-5'-DIPHOSPHATE"
6 non-polymer GLYCEROL
7 non-polymer 'BROMIDE ION'
8 water water
#
_entity_poly.entity_id   1
_entity_poly.type   'polypeptide(L)'
_entity_poly.pdbx_seq_one_letter_code
;MIKEFSDPLYGFVRVGEAGLRLIDSFPFQRLRYVKQLGLAYLVFPSAQHTRFEHSLGVYHITERICESLKVKEKELVKLA
GLLHDLGHPPFSHTTEVLLPRERSHEDFTERVIKETEIYEILKQDYSHEDIERLVRITLGKPEDEEEKLLSEIITGEFGS
DRMDYLRRDAYFCGVSYGFFDYDRLISTLRVYENKVVVDESGLRALENFLISRYFMYVQVYFHKVVRILSIHLVEFLKKL
ISQEDFTDINNFLRLNDAFVISELFKRKAFREDFERIFQRKHFKTLLSTENYEKFSETKERLLEKFPQEKVRFDEVEKEV
YGGNIYVLSSEGLKKAHELSPLIASLKPIKLYRIYVDRQLWEKARSELKLS
;
_entity_poly.pdbx_strand_id   A,B
#
loop_
_chem_comp.id
_chem_comp.type
_chem_comp.name
_chem_comp.formula
BR non-polymer 'BROMIDE ION' 'Br -1'
CL non-polymer 'CHLORIDE ION' 'Cl -1'
GDP RNA linking GUANOSINE-5'-DIPHOSPHATE 'C10 H15 N5 O11 P2'
GOL non-polymer GLYCEROL 'C3 H8 O3'
PO4 non-polymer 'PHOSPHATE ION' 'O4 P -3'
ZN non-polymer 'ZINC ION' 'Zn 2'
#
# COMPACT_ATOMS: atom_id res chain seq x y z
N MET A 1 -12.25 -13.94 19.70
CA MET A 1 -13.38 -13.24 20.39
C MET A 1 -13.28 -11.71 20.25
N ILE A 2 -12.14 -11.13 20.63
CA ILE A 2 -11.75 -9.79 20.18
C ILE A 2 -10.31 -9.87 19.65
N LYS A 3 -10.13 -9.58 18.36
CA LYS A 3 -8.80 -9.52 17.73
C LYS A 3 -8.43 -8.09 17.40
N GLU A 4 -7.14 -7.79 17.45
CA GLU A 4 -6.59 -6.46 17.16
C GLU A 4 -5.85 -6.50 15.83
N PHE A 5 -6.08 -5.49 14.99
CA PHE A 5 -5.40 -5.38 13.69
C PHE A 5 -4.63 -4.09 13.70
N SER A 6 -3.34 -4.13 13.35
CA SER A 6 -2.56 -2.89 13.21
C SER A 6 -3.14 -2.08 12.10
N ASP A 7 -3.26 -0.77 12.35
CA ASP A 7 -3.73 0.17 11.31
C ASP A 7 -2.97 1.43 11.57
N PRO A 8 -2.08 1.84 10.64
CA PRO A 8 -1.26 3.04 10.88
C PRO A 8 -2.08 4.32 11.05
N LEU A 9 -3.37 4.31 10.62
CA LEU A 9 -4.20 5.49 10.84
C LEU A 9 -4.65 5.59 12.30
N TYR A 10 -4.81 4.46 12.99
CA TYR A 10 -5.52 4.49 14.28
C TYR A 10 -4.74 3.83 15.39
N GLY A 11 -3.64 3.18 15.06
CA GLY A 11 -2.92 2.34 16.04
C GLY A 11 -3.38 0.89 15.87
N PHE A 12 -4.48 0.54 16.50
CA PHE A 12 -5.08 -0.81 16.35
C PHE A 12 -6.57 -0.68 16.13
N VAL A 13 -7.15 -1.55 15.32
CA VAL A 13 -8.61 -1.68 15.23
C VAL A 13 -9.05 -2.99 15.92
N ARG A 14 -9.92 -2.86 16.93
CA ARG A 14 -10.37 -3.99 17.70
C ARG A 14 -11.68 -4.44 17.08
N VAL A 15 -11.77 -5.73 16.77
CA VAL A 15 -12.96 -6.31 16.17
C VAL A 15 -13.50 -7.49 17.01
N GLY A 16 -14.81 -7.50 17.26
CA GLY A 16 -15.48 -8.59 17.99
C GLY A 16 -15.77 -9.80 17.12
N GLU A 17 -16.46 -10.79 17.68
CA GLU A 17 -16.58 -12.06 16.97
C GLU A 17 -17.42 -11.99 15.71
N ALA A 18 -18.50 -11.20 15.74
CA ALA A 18 -19.35 -11.15 14.54
C ALA A 18 -18.55 -10.55 13.37
N GLY A 19 -17.80 -9.48 13.65
CA GLY A 19 -16.98 -8.86 12.62
C GLY A 19 -15.90 -9.77 12.08
N LEU A 20 -15.22 -10.51 12.96
CA LEU A 20 -14.18 -11.46 12.52
C LEU A 20 -14.71 -12.53 11.58
N ARG A 21 -15.91 -13.05 11.88
CA ARG A 21 -16.52 -14.10 11.04
C ARG A 21 -16.77 -13.54 9.65
N LEU A 22 -17.22 -12.28 9.62
CA LEU A 22 -17.42 -11.59 8.33
C LEU A 22 -16.11 -11.30 7.63
N ILE A 23 -15.13 -10.80 8.38
CA ILE A 23 -13.81 -10.52 7.79
C ILE A 23 -13.18 -11.76 7.13
N ASP A 24 -13.33 -12.90 7.79
CA ASP A 24 -12.77 -14.15 7.27
C ASP A 24 -13.49 -14.75 6.07
N SER A 25 -14.66 -14.22 5.70
CA SER A 25 -15.39 -14.80 4.53
C SER A 25 -14.74 -14.40 3.22
N PHE A 26 -14.93 -15.21 2.19
CA PHE A 26 -14.37 -14.94 0.88
C PHE A 26 -14.80 -13.59 0.26
N PRO A 27 -16.09 -13.21 0.33
CA PRO A 27 -16.42 -11.89 -0.27
C PRO A 27 -15.74 -10.69 0.43
N PHE A 28 -15.45 -10.80 1.72
CA PHE A 28 -14.71 -9.75 2.40
C PHE A 28 -13.22 -9.83 2.05
N GLN A 29 -12.67 -11.03 2.00
CA GLN A 29 -11.23 -11.16 1.65
C GLN A 29 -10.92 -10.65 0.23
N ARG A 30 -11.87 -10.79 -0.68
CA ARG A 30 -11.78 -10.20 -2.02
C ARG A 30 -11.34 -8.71 -1.98
N LEU A 31 -11.80 -8.00 -0.96
CA LEU A 31 -11.53 -6.57 -0.93
C LEU A 31 -10.02 -6.29 -0.78
N ARG A 32 -9.26 -7.25 -0.25
CA ARG A 32 -7.77 -7.15 -0.18
C ARG A 32 -7.16 -7.04 -1.57
N TYR A 33 -7.92 -7.36 -2.62
CA TYR A 33 -7.36 -7.42 -3.99
C TYR A 33 -7.96 -6.32 -4.90
N VAL A 34 -8.47 -5.29 -4.26
CA VAL A 34 -9.06 -4.13 -4.94
C VAL A 34 -8.48 -2.87 -4.27
N LYS A 35 -7.62 -2.16 -4.96
CA LYS A 35 -7.08 -0.88 -4.47
C LYS A 35 -8.19 0.14 -4.30
N GLN A 36 -8.14 0.84 -3.18
CA GLN A 36 -9.11 1.86 -2.84
C GLN A 36 -9.20 2.89 -3.96
N LEU A 37 -8.05 3.27 -4.53
CA LEU A 37 -8.01 4.35 -5.51
C LEU A 37 -7.72 3.89 -6.95
N GLY A 38 -7.89 2.61 -7.24
CA GLY A 38 -7.82 2.12 -8.60
C GLY A 38 -6.43 2.26 -9.14
N LEU A 39 -6.30 3.06 -10.19
CA LEU A 39 -5.02 3.31 -10.87
C LEU A 39 -4.27 4.52 -10.37
N ALA A 40 -4.73 5.18 -9.31
CA ALA A 40 -4.04 6.35 -8.82
C ALA A 40 -2.57 6.05 -8.49
N TYR A 41 -2.21 4.80 -8.22
CA TYR A 41 -0.83 4.49 -7.80
C TYR A 41 0.14 4.73 -8.96
N LEU A 42 -0.41 4.87 -10.17
CA LEU A 42 0.42 5.18 -11.34
C LEU A 42 0.87 6.64 -11.34
N VAL A 43 0.28 7.45 -10.45
CA VAL A 43 0.65 8.85 -10.31
C VAL A 43 1.19 9.13 -8.87
N PHE A 44 0.50 8.56 -7.87
CA PHE A 44 0.90 8.67 -6.43
C PHE A 44 1.37 7.28 -6.01
N PRO A 45 2.67 7.00 -6.13
CA PRO A 45 3.14 5.60 -6.10
C PRO A 45 2.75 4.81 -4.85
N SER A 46 2.62 5.50 -3.72
CA SER A 46 2.35 4.82 -2.43
C SER A 46 0.85 4.59 -2.18
N ALA A 47 -0.01 4.93 -3.15
CA ALA A 47 -1.49 4.71 -3.04
C ALA A 47 -1.83 3.25 -3.23
N GLN A 48 -1.29 2.40 -2.36
CA GLN A 48 -1.46 0.94 -2.52
C GLN A 48 -2.52 0.37 -1.58
N HIS A 49 -3.13 1.22 -0.74
CA HIS A 49 -4.10 0.73 0.25
C HIS A 49 -5.34 0.14 -0.45
N THR A 50 -5.97 -0.84 0.21
CA THR A 50 -7.09 -1.56 -0.41
C THR A 50 -8.40 -1.34 0.32
N ARG A 51 -9.50 -1.78 -0.32
CA ARG A 51 -10.85 -1.65 0.28
C ARG A 51 -10.99 -2.45 1.58
N PHE A 52 -10.15 -3.47 1.73
CA PHE A 52 -10.11 -4.30 2.97
C PHE A 52 -9.75 -3.46 4.16
N GLU A 53 -8.62 -2.76 4.09
CA GLU A 53 -8.24 -1.92 5.24
C GLU A 53 -9.19 -0.78 5.45
N HIS A 54 -9.63 -0.16 4.36
CA HIS A 54 -10.64 0.91 4.44
C HIS A 54 -11.91 0.42 5.20
N SER A 55 -12.39 -0.78 4.86
CA SER A 55 -13.60 -1.32 5.54
C SER A 55 -13.40 -1.53 7.05
N LEU A 56 -12.21 -1.97 7.47
CA LEU A 56 -11.86 -2.09 8.90
C LEU A 56 -11.84 -0.73 9.55
N GLY A 57 -11.33 0.25 8.81
CA GLY A 57 -11.30 1.64 9.29
C GLY A 57 -12.69 2.22 9.42
N VAL A 58 -13.56 1.95 8.46
CA VAL A 58 -14.98 2.40 8.59
C VAL A 58 -15.67 1.80 9.83
N TYR A 59 -15.51 0.48 10.00
CA TYR A 59 -15.97 -0.20 11.22
C TYR A 59 -15.45 0.54 12.48
N HIS A 60 -14.17 0.85 12.53
CA HIS A 60 -13.56 1.51 13.71
C HIS A 60 -14.09 2.95 13.91
N ILE A 61 -14.17 3.73 12.84
CA ILE A 61 -14.73 5.09 12.97
C ILE A 61 -16.23 5.06 13.33
N THR A 62 -16.98 4.13 12.75
CA THR A 62 -18.39 3.95 13.11
C THR A 62 -18.53 3.68 14.61
N GLU A 63 -17.69 2.79 15.14
CA GLU A 63 -17.64 2.52 16.60
C GLU A 63 -17.47 3.79 17.41
N ARG A 64 -16.49 4.59 17.01
CA ARG A 64 -16.17 5.83 17.69
C ARG A 64 -17.35 6.79 17.68
N ILE A 65 -17.96 6.96 16.51
CA ILE A 65 -19.08 7.92 16.39
C ILE A 65 -20.29 7.43 17.23
N CYS A 66 -20.58 6.12 17.20
CA CYS A 66 -21.65 5.55 18.05
C CYS A 66 -21.36 5.78 19.55
N GLU A 67 -20.11 5.60 19.95
CA GLU A 67 -19.69 5.94 21.33
C GLU A 67 -19.93 7.42 21.70
N SER A 68 -19.57 8.33 20.81
CA SER A 68 -19.79 9.77 21.06
C SER A 68 -21.27 10.11 21.08
N LEU A 69 -22.03 9.48 20.18
CA LEU A 69 -23.44 9.81 20.04
C LEU A 69 -24.38 8.97 20.92
N LYS A 70 -23.82 7.98 21.63
CA LYS A 70 -24.57 7.11 22.54
C LYS A 70 -25.70 6.38 21.80
N VAL A 71 -25.33 5.81 20.66
CA VAL A 71 -26.24 5.12 19.77
C VAL A 71 -26.56 3.74 20.35
N LYS A 72 -27.85 3.43 20.43
CA LYS A 72 -28.37 2.16 20.95
C LYS A 72 -27.91 0.98 20.09
N GLU A 73 -28.17 1.08 18.80
CA GLU A 73 -27.92 -0.03 17.89
C GLU A 73 -26.50 0.02 17.35
N LYS A 74 -25.52 0.16 18.23
CA LYS A 74 -24.12 0.32 17.83
C LYS A 74 -23.61 -0.87 17.00
N GLU A 75 -23.82 -2.08 17.46
CA GLU A 75 -23.22 -3.22 16.74
C GLU A 75 -23.75 -3.31 15.32
N LEU A 76 -25.03 -3.01 15.15
CA LEU A 76 -25.62 -3.19 13.83
C LEU A 76 -25.06 -2.16 12.86
N VAL A 77 -24.93 -0.90 13.31
CA VAL A 77 -24.42 0.15 12.43
C VAL A 77 -22.93 -0.10 12.15
N LYS A 78 -22.20 -0.65 13.14
CA LYS A 78 -20.78 -0.96 12.94
C LYS A 78 -20.67 -1.99 11.85
N LEU A 79 -21.53 -3.00 11.90
CA LEU A 79 -21.47 -4.01 10.83
C LEU A 79 -21.91 -3.43 9.51
N ALA A 80 -22.90 -2.54 9.50
CA ALA A 80 -23.28 -1.88 8.24
C ALA A 80 -22.06 -1.13 7.67
N GLY A 81 -21.28 -0.48 8.54
CA GLY A 81 -20.03 0.21 8.13
C GLY A 81 -19.06 -0.80 7.55
N LEU A 82 -18.80 -1.87 8.28
CA LEU A 82 -17.89 -2.94 7.83
C LEU A 82 -18.18 -3.50 6.42
N LEU A 83 -19.47 -3.67 6.06
CA LEU A 83 -19.81 -4.35 4.81
C LEU A 83 -20.12 -3.38 3.67
N HIS A 84 -19.94 -2.09 3.95
CA HIS A 84 -20.31 -1.04 3.01
C HIS A 84 -19.71 -1.17 1.63
N ASP A 85 -18.50 -1.73 1.53
CA ASP A 85 -17.79 -1.90 0.26
C ASP A 85 -17.90 -3.28 -0.43
N LEU A 86 -18.72 -4.19 0.10
CA LEU A 86 -18.74 -5.57 -0.46
C LEU A 86 -19.07 -5.61 -1.95
N GLY A 87 -19.86 -4.67 -2.42
CA GLY A 87 -20.29 -4.63 -3.80
C GLY A 87 -19.45 -3.73 -4.72
N HIS A 88 -18.28 -3.26 -4.26
CA HIS A 88 -17.45 -2.37 -5.09
C HIS A 88 -16.68 -3.13 -6.17
N PRO A 89 -16.77 -2.64 -7.41
CA PRO A 89 -16.00 -3.29 -8.47
C PRO A 89 -14.57 -2.72 -8.61
N PRO A 90 -13.56 -3.54 -8.92
CA PRO A 90 -12.21 -2.96 -9.03
C PRO A 90 -12.16 -1.58 -9.76
N PHE A 91 -11.20 -0.73 -9.41
CA PHE A 91 -10.94 0.66 -9.91
C PHE A 91 -12.01 1.66 -9.49
N SER A 92 -11.92 2.85 -10.11
CA SER A 92 -12.81 3.96 -9.76
C SER A 92 -13.93 4.21 -10.74
N HIS A 93 -15.08 4.64 -10.23
CA HIS A 93 -16.07 5.03 -11.22
C HIS A 93 -16.53 3.83 -12.03
N THR A 94 -16.62 2.67 -11.39
CA THR A 94 -16.93 1.45 -12.15
C THR A 94 -18.32 0.89 -11.91
N THR A 95 -18.99 1.36 -10.85
CA THR A 95 -20.34 0.91 -10.55
C THR A 95 -21.25 1.12 -11.76
N GLU A 96 -21.13 2.31 -12.35
CA GLU A 96 -21.95 2.75 -13.47
C GLU A 96 -21.71 1.99 -14.77
N VAL A 97 -20.62 1.22 -14.84
CA VAL A 97 -20.38 0.39 -16.02
C VAL A 97 -20.94 -1.03 -15.83
N LEU A 98 -21.04 -1.46 -14.58
CA LEU A 98 -21.53 -2.81 -14.25
C LEU A 98 -23.05 -2.91 -14.14
N LEU A 99 -23.68 -1.86 -13.61
CA LEU A 99 -25.13 -1.83 -13.42
C LEU A 99 -25.97 -2.01 -14.70
N PRO A 100 -25.63 -1.28 -15.79
CA PRO A 100 -26.36 -1.51 -17.05
C PRO A 100 -26.20 -2.93 -17.62
N ARG A 101 -25.11 -3.60 -17.27
CA ARG A 101 -24.85 -4.97 -17.77
C ARG A 101 -25.47 -6.02 -16.85
N GLU A 102 -26.46 -5.56 -16.07
CA GLU A 102 -27.16 -6.39 -15.15
C GLU A 102 -28.63 -5.99 -15.20
N ARG A 103 -29.45 -6.98 -15.52
CA ARG A 103 -30.91 -6.86 -15.82
C ARG A 103 -31.78 -6.05 -14.88
N SER A 104 -31.73 -6.31 -13.57
CA SER A 104 -32.62 -5.62 -12.60
C SER A 104 -32.04 -4.35 -12.01
N HIS A 105 -30.72 -4.22 -12.02
CA HIS A 105 -30.06 -3.01 -11.52
C HIS A 105 -29.74 -3.08 -10.03
N GLU A 106 -30.09 -4.24 -9.44
CA GLU A 106 -29.89 -4.39 -8.01
C GLU A 106 -28.46 -4.07 -7.57
N ASP A 107 -28.33 -3.29 -6.50
CA ASP A 107 -27.04 -2.90 -5.96
C ASP A 107 -26.23 -4.16 -5.62
N PHE A 108 -24.99 -4.23 -6.10
CA PHE A 108 -24.13 -5.39 -5.86
C PHE A 108 -23.79 -5.61 -4.39
N THR A 109 -23.80 -4.55 -3.58
CA THR A 109 -23.59 -4.71 -2.13
C THR A 109 -24.70 -5.52 -1.51
N GLU A 110 -25.95 -5.22 -1.89
CA GLU A 110 -27.10 -5.98 -1.42
C GLU A 110 -27.01 -7.41 -1.91
N ARG A 111 -26.65 -7.63 -3.18
CA ARG A 111 -26.52 -8.96 -3.73
C ARG A 111 -25.47 -9.83 -3.01
N VAL A 112 -24.31 -9.23 -2.73
CA VAL A 112 -23.22 -9.96 -2.04
C VAL A 112 -23.66 -10.34 -0.60
N ILE A 113 -24.33 -9.41 0.09
CA ILE A 113 -24.83 -9.70 1.44
C ILE A 113 -25.88 -10.82 1.43
N LYS A 114 -26.75 -10.85 0.43
CA LYS A 114 -27.88 -11.78 0.43
C LYS A 114 -27.60 -13.12 -0.24
N GLU A 115 -26.69 -13.12 -1.23
CA GLU A 115 -26.45 -14.29 -2.08
C GLU A 115 -25.15 -15.07 -1.80
N THR A 116 -24.43 -14.73 -0.71
CA THR A 116 -23.21 -15.45 -0.37
C THR A 116 -23.26 -15.88 1.10
N GLU A 117 -22.19 -16.51 1.60
CA GLU A 117 -22.09 -16.89 3.01
C GLU A 117 -22.30 -15.73 3.97
N ILE A 118 -22.10 -14.48 3.51
CA ILE A 118 -22.36 -13.31 4.38
C ILE A 118 -23.75 -13.41 5.03
N TYR A 119 -24.77 -13.76 4.26
CA TYR A 119 -26.13 -13.83 4.84
C TYR A 119 -26.20 -14.79 6.04
N GLU A 120 -25.71 -16.02 5.84
CA GLU A 120 -25.72 -17.04 6.90
C GLU A 120 -24.94 -16.56 8.10
N ILE A 121 -23.84 -15.87 7.83
CA ILE A 121 -23.04 -15.36 8.94
C ILE A 121 -23.85 -14.34 9.74
N LEU A 122 -24.46 -13.37 9.07
CA LEU A 122 -25.29 -12.36 9.79
C LEU A 122 -26.50 -12.97 10.53
N LYS A 123 -27.09 -14.02 9.94
CA LYS A 123 -28.25 -14.70 10.56
C LYS A 123 -27.94 -15.31 11.92
N GLN A 124 -26.65 -15.62 12.18
CA GLN A 124 -26.25 -16.09 13.50
C GLN A 124 -26.48 -15.08 14.61
N ASP A 125 -26.41 -13.79 14.28
CA ASP A 125 -26.56 -12.73 15.25
C ASP A 125 -27.81 -11.85 15.08
N TYR A 126 -28.39 -11.79 13.87
CA TYR A 126 -29.47 -10.81 13.59
C TYR A 126 -30.68 -11.49 12.96
N SER A 127 -31.88 -10.97 13.26
CA SER A 127 -33.15 -11.42 12.68
C SER A 127 -33.16 -11.11 11.18
N HIS A 128 -34.03 -11.79 10.42
CA HIS A 128 -34.26 -11.46 9.01
C HIS A 128 -34.52 -9.95 8.80
N GLU A 129 -35.36 -9.35 9.64
CA GLU A 129 -35.70 -7.91 9.56
C GLU A 129 -34.47 -7.00 9.79
N ASP A 130 -33.68 -7.26 10.83
CA ASP A 130 -32.44 -6.48 11.08
C ASP A 130 -31.41 -6.56 9.96
N ILE A 131 -31.33 -7.70 9.28
CA ILE A 131 -30.49 -7.80 8.09
C ILE A 131 -31.04 -6.92 6.96
N GLU A 132 -32.36 -6.85 6.78
CA GLU A 132 -32.89 -5.93 5.76
C GLU A 132 -32.59 -4.49 6.14
N ARG A 133 -32.62 -4.17 7.44
CA ARG A 133 -32.34 -2.81 7.91
C ARG A 133 -30.85 -2.46 7.72
N LEU A 134 -29.95 -3.40 8.06
CA LEU A 134 -28.53 -3.25 7.77
C LEU A 134 -28.28 -2.92 6.29
N VAL A 135 -28.92 -3.65 5.40
CA VAL A 135 -28.79 -3.38 3.96
C VAL A 135 -29.20 -1.94 3.57
N ARG A 136 -30.36 -1.50 4.05
CA ARG A 136 -30.84 -0.14 3.77
C ARG A 136 -29.91 0.92 4.34
N ILE A 137 -29.48 0.71 5.58
CA ILE A 137 -28.58 1.61 6.27
C ILE A 137 -27.27 1.74 5.48
N THR A 138 -26.71 0.61 5.08
CA THR A 138 -25.45 0.65 4.36
C THR A 138 -25.57 1.24 2.95
N LEU A 139 -26.74 1.13 2.32
CA LEU A 139 -26.88 1.69 0.98
C LEU A 139 -27.33 3.12 0.99
N GLY A 140 -27.58 3.67 2.16
CA GLY A 140 -28.18 5.01 2.27
C GLY A 140 -29.62 5.09 1.73
N LYS A 141 -30.41 4.03 1.93
CA LYS A 141 -31.84 4.04 1.56
C LYS A 141 -32.77 3.73 2.74
N PRO A 142 -32.75 4.58 3.80
CA PRO A 142 -33.57 4.31 4.97
C PRO A 142 -35.06 4.43 4.66
N GLU A 143 -35.87 3.77 5.47
CA GLU A 143 -37.34 3.77 5.30
C GLU A 143 -38.01 4.42 6.51
N ASP A 144 -37.26 4.64 7.59
CA ASP A 144 -37.79 5.35 8.75
C ASP A 144 -36.71 6.23 9.37
N GLU A 145 -37.03 6.87 10.49
CA GLU A 145 -36.14 7.85 11.11
C GLU A 145 -34.94 7.23 11.85
N GLU A 146 -35.15 6.08 12.49
CA GLU A 146 -34.03 5.34 13.09
C GLU A 146 -33.06 4.93 12.00
N GLU A 147 -33.57 4.34 10.91
CA GLU A 147 -32.70 3.91 9.84
C GLU A 147 -31.97 5.11 9.24
N LYS A 148 -32.63 6.25 9.15
CA LYS A 148 -32.00 7.45 8.58
C LYS A 148 -30.85 7.95 9.46
N LEU A 149 -31.06 8.01 10.78
CA LEU A 149 -29.97 8.41 11.67
C LEU A 149 -28.76 7.48 11.52
N LEU A 150 -29.03 6.17 11.51
CA LEU A 150 -27.96 5.19 11.47
C LEU A 150 -27.24 5.29 10.15
N SER A 151 -28.00 5.47 9.07
CA SER A 151 -27.42 5.59 7.74
C SER A 151 -26.55 6.85 7.61
N GLU A 152 -26.97 7.95 8.24
CA GLU A 152 -26.20 9.21 8.29
C GLU A 152 -24.83 9.01 8.95
N ILE A 153 -24.79 8.15 9.96
CA ILE A 153 -23.54 7.88 10.67
C ILE A 153 -22.46 7.35 9.71
N ILE A 154 -22.88 6.57 8.73
CA ILE A 154 -21.97 5.98 7.76
C ILE A 154 -21.80 6.79 6.47
N THR A 155 -22.90 7.29 5.88
CA THR A 155 -22.93 7.78 4.51
C THR A 155 -23.13 9.30 4.44
N GLY A 156 -23.31 9.95 5.59
CA GLY A 156 -23.55 11.41 5.61
C GLY A 156 -22.31 12.21 5.25
N GLU A 157 -22.42 13.55 5.27
CA GLU A 157 -21.36 14.39 4.75
C GLU A 157 -20.04 14.19 5.52
N PHE A 158 -20.12 14.10 6.84
CA PHE A 158 -19.00 13.58 7.66
C PHE A 158 -19.27 12.15 8.25
N GLY A 159 -19.89 11.29 7.46
CA GLY A 159 -20.02 9.87 7.77
C GLY A 159 -18.69 9.17 7.98
N SER A 160 -18.74 8.03 8.64
CA SER A 160 -17.53 7.22 8.91
C SER A 160 -16.83 6.78 7.63
N ASP A 161 -17.60 6.53 6.58
CA ASP A 161 -16.99 6.16 5.28
C ASP A 161 -16.01 7.25 4.79
N ARG A 162 -16.50 8.48 4.64
CA ARG A 162 -15.68 9.61 4.24
C ARG A 162 -14.57 9.92 5.21
N MET A 163 -14.85 9.90 6.51
CA MET A 163 -13.84 10.19 7.48
C MET A 163 -12.67 9.22 7.30
N ASP A 164 -12.97 7.95 7.04
CA ASP A 164 -11.86 7.03 6.89
C ASP A 164 -11.15 7.23 5.57
N TYR A 165 -11.87 7.29 4.43
CA TYR A 165 -11.10 7.34 3.19
C TYR A 165 -10.35 8.66 3.00
N LEU A 166 -10.88 9.78 3.48
CA LEU A 166 -10.15 11.04 3.30
C LEU A 166 -8.82 10.95 4.01
N ARG A 167 -8.84 10.50 5.27
CA ARG A 167 -7.61 10.31 6.07
C ARG A 167 -6.67 9.24 5.50
N ARG A 168 -7.22 8.09 5.10
CA ARG A 168 -6.38 7.02 4.60
C ARG A 168 -5.75 7.41 3.22
N ASP A 169 -6.57 8.01 2.34
CA ASP A 169 -6.09 8.47 1.04
C ASP A 169 -4.95 9.46 1.24
N ALA A 170 -5.09 10.38 2.21
CA ALA A 170 -4.05 11.40 2.47
C ALA A 170 -2.80 10.72 2.98
N TYR A 171 -2.96 9.76 3.88
CA TYR A 171 -1.85 9.08 4.54
C TYR A 171 -1.01 8.31 3.51
N PHE A 172 -1.67 7.60 2.60
CA PHE A 172 -0.93 6.78 1.63
C PHE A 172 -0.51 7.57 0.40
N CYS A 173 -1.32 8.49 -0.08
CA CYS A 173 -0.87 9.31 -1.24
C CYS A 173 0.27 10.23 -0.88
N GLY A 174 0.28 10.69 0.37
CA GLY A 174 1.28 11.65 0.88
C GLY A 174 0.79 13.10 0.73
N VAL A 175 -0.46 13.40 1.12
CA VAL A 175 -1.02 14.72 0.96
C VAL A 175 -0.94 15.45 2.30
N SER A 176 0.08 16.28 2.41
CA SER A 176 0.51 16.98 3.62
C SER A 176 -0.17 18.33 3.82
N TYR A 177 -1.25 18.57 3.06
CA TYR A 177 -1.87 19.89 3.10
C TYR A 177 -3.08 19.93 4.06
N GLY A 178 -4.00 18.97 4.00
CA GLY A 178 -5.10 18.97 4.98
C GLY A 178 -4.61 18.57 6.39
N PHE A 179 -5.45 18.82 7.42
CA PHE A 179 -5.30 18.13 8.69
C PHE A 179 -6.38 17.03 8.71
N PHE A 180 -6.01 15.78 8.85
CA PHE A 180 -6.96 14.71 8.68
C PHE A 180 -7.35 13.85 9.93
N ASP A 181 -7.19 14.40 11.14
CA ASP A 181 -7.48 13.67 12.34
C ASP A 181 -8.81 14.21 12.87
N TYR A 182 -9.87 13.40 12.72
CA TYR A 182 -11.21 13.86 13.03
C TYR A 182 -11.72 13.44 14.43
N ASP A 183 -10.82 13.14 15.37
CA ASP A 183 -11.18 12.84 16.75
C ASP A 183 -11.97 13.98 17.39
N ARG A 184 -11.45 15.20 17.23
CA ARG A 184 -12.14 16.40 17.67
C ARG A 184 -13.51 16.56 17.01
N LEU A 185 -13.59 16.40 15.69
CA LEU A 185 -14.88 16.54 15.01
C LEU A 185 -15.87 15.53 15.56
N ILE A 186 -15.46 14.27 15.62
CA ILE A 186 -16.33 13.22 16.20
C ILE A 186 -16.84 13.63 17.59
N SER A 187 -15.96 14.16 18.45
CA SER A 187 -16.38 14.48 19.84
C SER A 187 -17.44 15.59 19.93
N THR A 188 -17.50 16.44 18.90
CA THR A 188 -18.46 17.55 18.88
C THR A 188 -19.76 17.24 18.14
N LEU A 189 -19.95 15.99 17.71
CA LEU A 189 -21.16 15.64 16.96
C LEU A 189 -22.26 15.48 17.98
N ARG A 190 -23.50 15.77 17.58
CA ARG A 190 -24.67 15.57 18.44
C ARG A 190 -25.77 14.99 17.58
N VAL A 191 -26.71 14.28 18.19
CA VAL A 191 -28.00 13.95 17.56
C VAL A 191 -29.09 14.96 17.99
N TYR A 192 -29.69 15.63 17.03
CA TYR A 192 -30.74 16.58 17.33
C TYR A 192 -31.83 16.44 16.29
N GLU A 193 -33.07 16.35 16.75
CA GLU A 193 -34.20 16.18 15.83
C GLU A 193 -33.90 15.01 14.89
N ASN A 194 -33.34 13.95 15.46
CA ASN A 194 -32.96 12.77 14.69
C ASN A 194 -31.94 12.96 13.54
N LYS A 195 -31.17 14.04 13.58
CA LYS A 195 -30.08 14.24 12.62
C LYS A 195 -28.75 14.20 13.35
N VAL A 196 -27.69 13.79 12.66
CA VAL A 196 -26.32 14.01 13.14
C VAL A 196 -25.95 15.46 12.84
N VAL A 197 -25.65 16.23 13.87
CA VAL A 197 -25.34 17.66 13.68
C VAL A 197 -24.01 17.96 14.36
N VAL A 198 -23.46 19.17 14.19
CA VAL A 198 -22.22 19.53 14.88
C VAL A 198 -22.54 20.57 15.97
N ASP A 199 -22.12 20.33 17.20
CA ASP A 199 -22.19 21.36 18.24
C ASP A 199 -21.36 22.59 17.84
N GLU A 200 -21.75 23.77 18.27
CA GLU A 200 -21.02 24.96 17.88
C GLU A 200 -19.57 24.91 18.33
N SER A 201 -19.24 24.19 19.40
CA SER A 201 -17.85 24.04 19.84
C SER A 201 -17.00 23.28 18.80
N GLY A 202 -17.67 22.70 17.79
CA GLY A 202 -16.97 22.01 16.73
C GLY A 202 -16.97 22.73 15.39
N LEU A 203 -17.32 24.02 15.39
CA LEU A 203 -17.35 24.78 14.13
C LEU A 203 -16.03 24.81 13.39
N ARG A 204 -14.94 25.02 14.12
CA ARG A 204 -13.58 24.99 13.56
C ARG A 204 -13.21 23.61 13.03
N ALA A 205 -13.50 22.55 13.81
CA ALA A 205 -13.27 21.19 13.33
C ALA A 205 -14.05 20.91 12.05
N LEU A 206 -15.26 21.44 11.93
CA LEU A 206 -16.04 21.24 10.68
C LEU A 206 -15.41 21.98 9.49
N GLU A 207 -15.03 23.25 9.70
CA GLU A 207 -14.25 24.01 8.73
C GLU A 207 -13.02 23.20 8.30
N ASN A 208 -12.25 22.68 9.25
CA ASN A 208 -11.05 21.95 8.89
C ASN A 208 -11.39 20.71 8.04
N PHE A 209 -12.44 20.00 8.41
CA PHE A 209 -12.88 18.82 7.66
C PHE A 209 -13.21 19.16 6.21
N LEU A 210 -13.99 20.21 5.98
CA LEU A 210 -14.35 20.61 4.62
C LEU A 210 -13.15 21.08 3.78
N ILE A 211 -12.20 21.79 4.41
CA ILE A 211 -10.96 22.21 3.73
C ILE A 211 -10.09 20.99 3.40
N SER A 212 -10.00 20.07 4.36
CA SER A 212 -9.23 18.84 4.09
C SER A 212 -9.84 18.08 2.91
N ARG A 213 -11.16 18.05 2.83
CA ARG A 213 -11.82 17.40 1.68
C ARG A 213 -11.52 18.15 0.37
N TYR A 214 -11.55 19.48 0.40
CA TYR A 214 -11.17 20.27 -0.79
C TYR A 214 -9.76 19.88 -1.26
N PHE A 215 -8.80 19.81 -0.35
CA PHE A 215 -7.43 19.41 -0.75
C PHE A 215 -7.36 18.04 -1.40
N MET A 216 -8.06 17.05 -0.86
CA MET A 216 -8.02 15.73 -1.48
C MET A 216 -8.56 15.77 -2.90
N TYR A 217 -9.63 16.53 -3.14
CA TYR A 217 -10.18 16.66 -4.50
C TYR A 217 -9.23 17.34 -5.47
N VAL A 218 -8.67 18.48 -5.07
CA VAL A 218 -7.80 19.19 -6.01
C VAL A 218 -6.46 18.47 -6.23
N GLN A 219 -5.94 17.87 -5.17
CA GLN A 219 -4.59 17.28 -5.28
C GLN A 219 -4.64 15.88 -5.89
N VAL A 220 -5.65 15.08 -5.51
CA VAL A 220 -5.66 13.65 -5.87
C VAL A 220 -6.82 13.23 -6.80
N TYR A 221 -8.06 13.37 -6.34
CA TYR A 221 -9.19 12.77 -7.07
C TYR A 221 -9.36 13.45 -8.45
N PHE A 222 -9.04 14.73 -8.54
CA PHE A 222 -9.20 15.46 -9.81
C PHE A 222 -7.87 15.72 -10.50
N HIS A 223 -6.82 15.00 -10.08
CA HIS A 223 -5.51 15.17 -10.68
C HIS A 223 -5.68 14.85 -12.18
N LYS A 224 -5.10 15.67 -13.04
CA LYS A 224 -5.40 15.57 -14.47
C LYS A 224 -4.99 14.22 -15.04
N VAL A 225 -3.87 13.67 -14.56
CA VAL A 225 -3.40 12.36 -15.01
C VAL A 225 -4.22 11.23 -14.40
N VAL A 226 -4.57 11.33 -13.10
CA VAL A 226 -5.49 10.38 -12.49
C VAL A 226 -6.78 10.28 -13.32
N ARG A 227 -7.31 11.43 -13.75
CA ARG A 227 -8.57 11.45 -14.51
C ARG A 227 -8.44 10.78 -15.89
N ILE A 228 -7.37 11.09 -16.63
CA ILE A 228 -7.19 10.47 -17.99
C ILE A 228 -6.95 8.94 -17.94
N LEU A 229 -6.18 8.50 -16.95
CA LEU A 229 -6.03 7.06 -16.72
C LEU A 229 -7.38 6.38 -16.50
N SER A 230 -8.24 6.98 -15.70
CA SER A 230 -9.57 6.44 -15.42
C SER A 230 -10.45 6.43 -16.68
N ILE A 231 -10.33 7.49 -17.48
CA ILE A 231 -11.00 7.56 -18.80
C ILE A 231 -10.58 6.37 -19.69
N HIS A 232 -9.28 6.13 -19.83
CA HIS A 232 -8.78 4.94 -20.54
C HIS A 232 -9.24 3.61 -19.95
N LEU A 233 -9.16 3.49 -18.62
CA LEU A 233 -9.56 2.27 -17.95
C LEU A 233 -11.05 1.96 -18.18
N VAL A 234 -11.89 2.98 -18.04
CA VAL A 234 -13.32 2.76 -18.14
C VAL A 234 -13.72 2.35 -19.58
N GLU A 235 -13.07 2.94 -20.57
CA GLU A 235 -13.31 2.50 -21.95
C GLU A 235 -13.00 1.02 -22.12
N PHE A 236 -11.85 0.58 -21.58
CA PHE A 236 -11.47 -0.81 -21.62
C PHE A 236 -12.44 -1.70 -20.85
N LEU A 237 -12.74 -1.32 -19.61
CA LEU A 237 -13.61 -2.15 -18.76
C LEU A 237 -14.95 -2.46 -19.44
N LYS A 238 -15.48 -1.47 -20.18
CA LYS A 238 -16.70 -1.65 -20.98
C LYS A 238 -16.58 -2.72 -22.06
N LYS A 239 -15.46 -2.76 -22.77
CA LYS A 239 -15.20 -3.81 -23.75
C LYS A 239 -15.12 -5.18 -23.09
N LEU A 240 -14.41 -5.24 -21.96
CA LEU A 240 -14.21 -6.48 -21.21
C LEU A 240 -15.52 -7.00 -20.65
N ILE A 241 -16.43 -6.09 -20.35
CA ILE A 241 -17.73 -6.55 -19.87
C ILE A 241 -18.80 -6.24 -20.88
N SER A 242 -18.53 -6.48 -22.20
CA SER A 242 -19.48 -6.21 -23.31
C SER A 242 -20.78 -6.88 -22.94
N GLN A 243 -20.78 -8.20 -22.84
CA GLN A 243 -21.96 -8.81 -22.30
C GLN A 243 -21.64 -9.94 -21.31
N GLU A 244 -20.90 -9.64 -20.26
CA GLU A 244 -20.70 -10.68 -19.26
C GLU A 244 -22.02 -10.80 -18.49
N ASP A 245 -22.35 -12.02 -18.07
CA ASP A 245 -23.56 -12.30 -17.31
C ASP A 245 -23.32 -12.23 -15.80
N PHE A 246 -24.00 -11.29 -15.12
CA PHE A 246 -23.86 -11.18 -13.66
C PHE A 246 -24.98 -11.85 -12.85
N THR A 247 -25.81 -12.64 -13.53
CA THR A 247 -26.83 -13.42 -12.82
C THR A 247 -26.20 -14.34 -11.77
N ASP A 248 -25.06 -14.95 -12.09
CA ASP A 248 -24.25 -15.66 -11.10
C ASP A 248 -23.31 -14.65 -10.38
N ILE A 249 -23.49 -14.52 -9.06
CA ILE A 249 -22.75 -13.53 -8.23
C ILE A 249 -21.24 -13.81 -8.20
N ASN A 250 -20.86 -15.06 -8.46
CA ASN A 250 -19.45 -15.44 -8.52
C ASN A 250 -18.70 -14.76 -9.67
N ASN A 251 -19.42 -14.36 -10.71
CA ASN A 251 -18.80 -13.63 -11.81
C ASN A 251 -18.51 -12.19 -11.43
N PHE A 252 -19.25 -11.67 -10.45
CA PHE A 252 -18.88 -10.39 -9.87
C PHE A 252 -17.71 -10.59 -8.92
N LEU A 253 -17.82 -11.57 -8.01
CA LEU A 253 -16.80 -11.83 -7.01
C LEU A 253 -15.41 -12.11 -7.58
N ARG A 254 -15.35 -12.66 -8.80
CA ARG A 254 -14.04 -12.91 -9.41
C ARG A 254 -13.39 -11.67 -10.02
N LEU A 255 -14.12 -10.57 -10.09
CA LEU A 255 -13.57 -9.32 -10.56
C LEU A 255 -12.72 -8.68 -9.45
N ASN A 256 -11.40 -8.77 -9.59
CA ASN A 256 -10.47 -7.98 -8.79
C ASN A 256 -9.48 -7.23 -9.71
N ASP A 257 -8.56 -6.43 -9.14
CA ASP A 257 -7.72 -5.58 -9.98
C ASP A 257 -6.86 -6.47 -10.87
N ALA A 258 -6.21 -7.48 -10.28
CA ALA A 258 -5.32 -8.40 -11.03
C ALA A 258 -6.03 -9.11 -12.18
N PHE A 259 -7.27 -9.53 -11.97
CA PHE A 259 -8.08 -10.14 -13.03
C PHE A 259 -8.23 -9.20 -14.24
N VAL A 260 -8.69 -7.98 -13.98
CA VAL A 260 -8.79 -6.97 -15.05
C VAL A 260 -7.45 -6.73 -15.72
N ILE A 261 -6.39 -6.49 -14.95
CA ILE A 261 -5.07 -6.23 -15.52
C ILE A 261 -4.56 -7.42 -16.35
N SER A 262 -4.79 -8.63 -15.88
CA SER A 262 -4.33 -9.83 -16.60
C SER A 262 -5.00 -9.91 -17.97
N GLU A 263 -6.31 -9.70 -17.99
CA GLU A 263 -7.10 -9.71 -19.22
C GLU A 263 -6.54 -8.72 -20.24
N LEU A 264 -5.84 -7.72 -19.75
CA LEU A 264 -5.32 -6.62 -20.55
C LEU A 264 -3.90 -6.92 -20.99
N PHE A 265 -3.06 -7.25 -20.01
CA PHE A 265 -1.63 -7.56 -20.17
C PHE A 265 -1.35 -8.71 -21.15
N LYS A 266 -2.37 -9.52 -21.42
CA LYS A 266 -2.22 -10.78 -22.16
C LYS A 266 -2.81 -10.75 -23.57
N ARG A 267 -4.05 -10.27 -23.70
CA ARG A 267 -4.74 -10.27 -24.99
C ARG A 267 -4.18 -9.20 -25.95
N LYS A 268 -3.90 -9.61 -27.19
CA LYS A 268 -3.37 -8.72 -28.22
C LYS A 268 -4.44 -7.79 -28.82
N ALA A 269 -5.71 -8.13 -28.64
CA ALA A 269 -6.81 -7.27 -29.09
C ALA A 269 -6.82 -5.93 -28.33
N PHE A 270 -6.48 -5.99 -27.04
CA PHE A 270 -6.52 -4.86 -26.12
C PHE A 270 -5.21 -4.10 -26.00
N ARG A 271 -4.41 -4.09 -27.05
CA ARG A 271 -3.05 -3.60 -26.92
C ARG A 271 -2.93 -2.09 -26.71
N GLU A 272 -3.77 -1.33 -27.40
CA GLU A 272 -3.68 0.10 -27.27
C GLU A 272 -4.21 0.58 -25.92
N ASP A 273 -5.22 -0.12 -25.39
CA ASP A 273 -5.66 0.03 -23.99
C ASP A 273 -4.50 -0.14 -23.05
N PHE A 274 -3.78 -1.26 -23.20
CA PHE A 274 -2.64 -1.57 -22.35
C PHE A 274 -1.60 -0.48 -22.42
N GLU A 275 -1.27 -0.03 -23.63
CA GLU A 275 -0.25 1.00 -23.78
C GLU A 275 -0.63 2.33 -23.10
N ARG A 276 -1.87 2.73 -23.27
CA ARG A 276 -2.40 4.00 -22.72
C ARG A 276 -2.42 4.00 -21.20
N ILE A 277 -2.66 2.82 -20.62
CA ILE A 277 -2.79 2.73 -19.16
C ILE A 277 -1.47 2.37 -18.49
N PHE A 278 -0.74 1.39 -19.04
CA PHE A 278 0.42 0.82 -18.35
C PHE A 278 1.79 1.15 -18.93
N GLN A 279 1.84 1.68 -20.16
CA GLN A 279 3.12 2.04 -20.76
C GLN A 279 3.34 3.53 -20.91
N ARG A 280 2.70 4.33 -20.06
CA ARG A 280 2.82 5.80 -20.04
C ARG A 280 2.52 6.49 -21.37
N LYS A 281 1.56 5.95 -22.12
CA LYS A 281 1.15 6.50 -23.41
C LYS A 281 -0.27 7.08 -23.32
N HIS A 282 -0.68 7.47 -22.10
CA HIS A 282 -1.99 8.09 -21.87
C HIS A 282 -2.08 9.37 -22.71
N PHE A 283 -3.28 9.74 -23.13
CA PHE A 283 -3.47 11.03 -23.79
C PHE A 283 -2.89 12.13 -22.90
N LYS A 284 -2.27 13.10 -23.55
CA LYS A 284 -1.57 14.16 -22.85
C LYS A 284 -2.51 15.37 -22.64
N THR A 285 -2.41 16.04 -21.50
CA THR A 285 -3.28 17.18 -21.20
C THR A 285 -2.93 18.36 -22.13
N LEU A 286 -3.89 18.79 -22.92
CA LEU A 286 -3.67 19.96 -23.78
C LEU A 286 -4.13 21.24 -23.05
N LEU A 287 -5.28 21.17 -22.41
CA LEU A 287 -5.85 22.29 -21.71
C LEU A 287 -6.41 21.83 -20.37
N SER A 288 -6.16 22.62 -19.32
CA SER A 288 -6.78 22.39 -18.03
C SER A 288 -7.17 23.76 -17.58
N THR A 289 -8.46 24.03 -17.46
CA THR A 289 -8.86 25.36 -17.10
C THR A 289 -10.11 25.42 -16.24
N GLU A 290 -10.31 26.58 -15.60
CA GLU A 290 -11.47 26.80 -14.77
C GLU A 290 -12.54 27.58 -15.55
N ASN A 291 -12.25 27.91 -16.82
CA ASN A 291 -13.08 28.82 -17.60
C ASN A 291 -13.83 28.02 -18.63
N TYR A 292 -15.15 27.88 -18.44
CA TYR A 292 -15.95 27.05 -19.33
C TYR A 292 -15.92 27.56 -20.76
N GLU A 293 -15.85 28.88 -20.93
CA GLU A 293 -15.82 29.45 -22.27
C GLU A 293 -14.53 29.10 -23.02
N LYS A 294 -13.37 29.24 -22.39
CA LYS A 294 -12.11 28.82 -22.98
C LYS A 294 -12.14 27.32 -23.37
N PHE A 295 -12.63 26.49 -22.46
CA PHE A 295 -12.87 25.06 -22.74
C PHE A 295 -13.74 24.86 -23.99
N SER A 296 -14.95 25.43 -23.98
CA SER A 296 -15.91 25.27 -25.10
C SER A 296 -15.33 25.71 -26.44
N GLU A 297 -14.60 26.83 -26.42
CA GLU A 297 -13.98 27.36 -27.63
C GLU A 297 -12.79 26.54 -28.13
N THR A 298 -11.99 26.00 -27.21
CA THR A 298 -10.86 25.15 -27.60
C THR A 298 -11.40 23.83 -28.15
N LYS A 299 -12.42 23.29 -27.50
CA LYS A 299 -13.07 22.07 -27.97
C LYS A 299 -13.56 22.21 -29.42
N GLU A 300 -14.11 23.37 -29.75
CA GLU A 300 -14.62 23.64 -31.10
C GLU A 300 -13.52 23.70 -32.16
N ARG A 301 -12.55 24.59 -31.97
CA ARG A 301 -11.41 24.72 -32.87
C ARG A 301 -10.68 23.39 -33.06
N LEU A 302 -10.60 22.61 -31.97
CA LEU A 302 -9.88 21.35 -31.98
C LEU A 302 -10.62 20.31 -32.79
N LEU A 303 -11.93 20.20 -32.58
CA LEU A 303 -12.73 19.23 -33.32
C LEU A 303 -12.94 19.64 -34.80
N GLU A 304 -12.45 20.82 -35.18
CA GLU A 304 -12.43 21.22 -36.58
C GLU A 304 -11.30 20.51 -37.30
N LYS A 305 -10.17 20.39 -36.61
CA LYS A 305 -8.92 19.91 -37.19
C LYS A 305 -8.61 18.42 -36.99
N PHE A 306 -9.00 17.87 -35.83
CA PHE A 306 -8.65 16.50 -35.46
C PHE A 306 -9.89 15.63 -35.28
N PRO A 307 -9.76 14.31 -35.52
CA PRO A 307 -10.93 13.42 -35.31
C PRO A 307 -11.24 13.18 -33.82
N GLN A 308 -12.51 12.84 -33.55
CA GLN A 308 -13.01 12.65 -32.19
C GLN A 308 -12.22 11.59 -31.41
N GLU A 309 -11.92 10.47 -32.07
CA GLU A 309 -11.15 9.36 -31.49
C GLU A 309 -9.84 9.75 -30.83
N LYS A 310 -9.20 10.81 -31.35
CA LYS A 310 -7.88 11.24 -30.89
C LYS A 310 -7.93 12.22 -29.72
N VAL A 311 -9.10 12.47 -29.18
CA VAL A 311 -9.22 13.47 -28.12
C VAL A 311 -10.15 12.98 -27.05
N ARG A 312 -9.94 13.46 -25.82
CA ARG A 312 -10.91 13.20 -24.75
C ARG A 312 -11.18 14.49 -23.97
N PHE A 313 -12.40 14.62 -23.48
CA PHE A 313 -12.82 15.79 -22.72
C PHE A 313 -13.21 15.35 -21.31
N ASP A 314 -13.01 16.21 -20.32
CA ASP A 314 -13.42 15.85 -18.98
C ASP A 314 -13.89 17.11 -18.30
N GLU A 315 -15.09 17.05 -17.71
CA GLU A 315 -15.65 18.17 -16.96
C GLU A 315 -15.84 17.75 -15.52
N VAL A 316 -15.18 18.46 -14.62
CA VAL A 316 -15.33 18.23 -13.17
C VAL A 316 -15.95 19.45 -12.49
N GLU A 317 -17.10 19.27 -11.85
CA GLU A 317 -17.77 20.35 -11.12
C GLU A 317 -18.30 19.82 -9.79
N LYS A 318 -17.54 20.10 -8.70
CA LYS A 318 -17.76 19.51 -7.38
C LYS A 318 -17.93 20.51 -6.23
N GLU A 319 -18.99 20.33 -5.46
CA GLU A 319 -19.35 21.23 -4.37
C GLU A 319 -18.52 20.92 -3.13
N VAL A 320 -17.86 21.95 -2.62
CA VAL A 320 -16.99 21.84 -1.45
C VAL A 320 -17.84 21.91 -0.18
N TYR A 321 -18.98 22.58 -0.28
CA TYR A 321 -19.96 22.56 0.79
C TYR A 321 -21.35 22.50 0.15
N GLY A 322 -22.16 21.55 0.56
CA GLY A 322 -23.47 21.31 -0.07
C GLY A 322 -24.68 22.06 0.48
N GLY A 323 -24.48 22.91 1.49
CA GLY A 323 -25.56 23.72 2.07
C GLY A 323 -26.50 23.00 3.05
N ASN A 324 -26.19 21.74 3.36
CA ASN A 324 -27.09 20.87 4.11
C ASN A 324 -26.47 20.28 5.38
N ILE A 325 -25.67 21.09 6.09
CA ILE A 325 -25.09 20.66 7.36
C ILE A 325 -25.56 21.55 8.50
N TYR A 326 -26.01 20.92 9.58
CA TYR A 326 -26.52 21.64 10.74
C TYR A 326 -25.55 21.74 11.91
N VAL A 327 -25.59 22.89 12.55
CA VAL A 327 -24.78 23.20 13.69
C VAL A 327 -25.75 23.57 14.80
N LEU A 328 -25.60 22.96 15.96
CA LEU A 328 -26.44 23.27 17.12
C LEU A 328 -25.83 24.43 17.89
N SER A 329 -26.54 25.55 17.85
CA SER A 329 -26.15 26.77 18.53
C SER A 329 -26.86 26.90 19.88
N SER A 330 -26.51 27.92 20.65
CA SER A 330 -27.26 28.24 21.87
C SER A 330 -28.69 28.71 21.53
N GLU A 331 -28.86 29.27 20.33
CA GLU A 331 -30.15 29.70 19.80
C GLU A 331 -30.88 28.59 19.04
N GLY A 332 -30.44 27.34 19.22
CA GLY A 332 -30.99 26.21 18.46
C GLY A 332 -30.27 25.92 17.15
N LEU A 333 -30.88 25.06 16.34
CA LEU A 333 -30.27 24.49 15.15
C LEU A 333 -30.18 25.45 13.98
N LYS A 334 -28.98 25.61 13.45
CA LYS A 334 -28.75 26.44 12.25
C LYS A 334 -28.10 25.63 11.14
N LYS A 335 -28.17 26.14 9.92
CA LYS A 335 -27.31 25.70 8.82
C LYS A 335 -25.88 26.18 9.09
N ALA A 336 -24.87 25.38 8.73
CA ALA A 336 -23.46 25.75 9.00
C ALA A 336 -23.02 27.06 8.39
N HIS A 337 -23.48 27.34 7.17
CA HIS A 337 -23.20 28.62 6.54
C HIS A 337 -23.85 29.82 7.28
N GLU A 338 -24.99 29.57 7.96
CA GLU A 338 -25.60 30.63 8.81
C GLU A 338 -24.67 31.07 9.95
N LEU A 339 -23.80 30.16 10.40
CA LEU A 339 -22.88 30.45 11.52
C LEU A 339 -21.41 30.65 11.13
N SER A 340 -21.00 30.17 9.95
CA SER A 340 -19.59 30.31 9.49
C SER A 340 -19.56 31.09 8.19
N PRO A 341 -19.12 32.37 8.24
CA PRO A 341 -18.99 33.08 6.96
C PRO A 341 -18.05 32.32 6.00
N LEU A 342 -17.03 31.65 6.54
CA LEU A 342 -16.06 30.98 5.65
C LEU A 342 -16.74 29.82 4.87
N ILE A 343 -17.42 28.96 5.60
CA ILE A 343 -18.17 27.88 4.97
C ILE A 343 -19.19 28.46 3.94
N ALA A 344 -19.86 29.55 4.35
CA ALA A 344 -20.80 30.27 3.48
C ALA A 344 -20.17 30.66 2.16
N SER A 345 -18.85 30.85 2.19
CA SER A 345 -18.12 31.39 1.06
C SER A 345 -17.33 30.37 0.19
N LEU A 346 -17.18 29.13 0.65
CA LEU A 346 -16.42 28.12 -0.11
C LEU A 346 -17.02 27.89 -1.49
N LYS A 347 -16.23 28.13 -2.52
CA LYS A 347 -16.71 27.99 -3.89
C LYS A 347 -16.53 26.54 -4.40
N PRO A 348 -17.39 26.11 -5.35
CA PRO A 348 -17.22 24.78 -5.92
C PRO A 348 -15.95 24.65 -6.78
N ILE A 349 -15.47 23.44 -6.91
CA ILE A 349 -14.34 23.18 -7.78
C ILE A 349 -14.91 23.01 -9.20
N LYS A 350 -14.36 23.73 -10.17
CA LYS A 350 -14.78 23.59 -11.58
C LYS A 350 -13.56 23.46 -12.42
N LEU A 351 -13.38 22.31 -13.08
CA LEU A 351 -12.20 22.11 -13.90
C LEU A 351 -12.60 21.48 -15.20
N TYR A 352 -12.02 21.95 -16.29
CA TYR A 352 -12.33 21.41 -17.61
C TYR A 352 -11.04 21.03 -18.25
N ARG A 353 -10.96 19.79 -18.73
CA ARG A 353 -9.70 19.32 -19.28
C ARG A 353 -9.89 18.85 -20.70
N ILE A 354 -8.88 19.08 -21.53
CA ILE A 354 -8.86 18.46 -22.87
C ILE A 354 -7.57 17.67 -22.99
N TYR A 355 -7.69 16.43 -23.42
CA TYR A 355 -6.55 15.56 -23.57
C TYR A 355 -6.45 15.14 -25.03
N VAL A 356 -5.23 14.99 -25.54
CA VAL A 356 -5.00 14.52 -26.91
C VAL A 356 -3.97 13.40 -27.00
N ASP A 357 -4.20 12.47 -27.94
CA ASP A 357 -3.22 11.46 -28.33
C ASP A 357 -1.83 12.07 -28.30
N ARG A 358 -0.88 11.40 -27.66
CA ARG A 358 0.45 12.01 -27.47
C ARG A 358 1.23 12.26 -28.78
N GLN A 359 0.89 11.52 -29.84
CA GLN A 359 1.48 11.73 -31.17
C GLN A 359 1.09 13.11 -31.76
N LEU A 360 -0.20 13.45 -31.65
CA LEU A 360 -0.75 14.71 -32.18
C LEU A 360 -0.60 15.94 -31.26
N TRP A 361 0.04 15.77 -30.12
CA TRP A 361 -0.01 16.81 -29.10
C TRP A 361 0.69 18.11 -29.52
N GLU A 362 1.89 17.99 -30.08
CA GLU A 362 2.61 19.17 -30.56
C GLU A 362 1.90 19.77 -31.77
N LYS A 363 1.32 18.90 -32.59
CA LYS A 363 0.54 19.32 -33.75
C LYS A 363 -0.70 20.10 -33.35
N ALA A 364 -1.40 19.63 -32.32
CA ALA A 364 -2.60 20.30 -31.83
C ALA A 364 -2.28 21.59 -31.09
N ARG A 365 -1.11 21.64 -30.45
CA ARG A 365 -0.72 22.77 -29.63
C ARG A 365 -0.51 24.02 -30.47
N SER A 366 0.43 23.97 -31.41
CA SER A 366 0.73 25.10 -32.29
C SER A 366 -0.39 25.46 -33.30
N GLU A 367 -1.22 24.47 -33.63
CA GLU A 367 -2.42 24.71 -34.45
C GLU A 367 -3.56 25.35 -33.66
N LEU A 368 -3.38 25.52 -32.36
CA LEU A 368 -4.36 26.20 -31.51
C LEU A 368 -3.79 27.49 -30.91
N LYS A 369 -2.50 27.71 -31.12
CA LYS A 369 -1.84 28.97 -30.80
C LYS A 369 -0.73 29.22 -31.81
N MET B 1 12.71 17.11 -17.42
CA MET B 1 14.07 17.24 -16.84
C MET B 1 14.07 16.77 -15.38
N ILE B 2 13.25 17.40 -14.54
CA ILE B 2 12.99 16.90 -13.18
C ILE B 2 11.49 16.63 -13.01
N LYS B 3 11.12 15.42 -12.55
CA LYS B 3 9.76 15.12 -12.17
C LYS B 3 9.71 14.86 -10.63
N GLU B 4 8.61 15.27 -9.98
CA GLU B 4 8.43 15.07 -8.56
C GLU B 4 7.43 13.94 -8.35
N PHE B 5 7.71 13.04 -7.41
CA PHE B 5 6.81 11.93 -7.05
C PHE B 5 6.45 12.18 -5.58
N SER B 6 5.16 12.11 -5.24
CA SER B 6 4.76 12.20 -3.83
C SER B 6 5.21 10.94 -3.14
N ASP B 7 5.77 11.09 -1.95
CA ASP B 7 6.13 9.92 -1.17
C ASP B 7 5.85 10.38 0.24
N PRO B 8 4.88 9.75 0.94
CA PRO B 8 4.47 10.14 2.29
C PRO B 8 5.60 10.02 3.30
N LEU B 9 6.66 9.30 2.92
CA LEU B 9 7.84 9.16 3.82
C LEU B 9 8.73 10.39 3.80
N TYR B 10 8.67 11.19 2.73
CA TYR B 10 9.64 12.30 2.49
C TYR B 10 8.94 13.59 2.03
N GLY B 11 7.71 13.50 1.56
CA GLY B 11 7.08 14.68 0.90
C GLY B 11 7.10 14.43 -0.61
N PHE B 12 8.18 14.83 -1.27
CA PHE B 12 8.35 14.61 -2.71
C PHE B 12 9.74 14.08 -2.97
N VAL B 13 9.85 13.15 -3.90
CA VAL B 13 11.14 12.69 -4.39
C VAL B 13 11.34 13.30 -5.81
N ARG B 14 12.40 14.10 -5.99
CA ARG B 14 12.72 14.71 -7.28
C ARG B 14 13.67 13.76 -8.00
N VAL B 15 13.34 13.43 -9.24
CA VAL B 15 14.14 12.48 -10.04
C VAL B 15 14.52 13.16 -11.34
N GLY B 16 15.81 13.10 -11.72
CA GLY B 16 16.31 13.65 -12.99
C GLY B 16 16.09 12.74 -14.19
N GLU B 17 16.63 13.14 -15.33
CA GLU B 17 16.31 12.48 -16.60
C GLU B 17 16.78 11.04 -16.67
N ALA B 18 18.01 10.76 -16.23
CA ALA B 18 18.47 9.36 -16.24
C ALA B 18 17.61 8.43 -15.36
N GLY B 19 17.33 8.85 -14.12
CA GLY B 19 16.42 8.06 -13.28
C GLY B 19 15.03 7.87 -13.89
N LEU B 20 14.45 8.92 -14.45
CA LEU B 20 13.14 8.81 -15.12
C LEU B 20 13.13 7.78 -16.24
N ARG B 21 14.13 7.81 -17.11
CA ARG B 21 14.25 6.79 -18.18
C ARG B 21 14.28 5.37 -17.64
N LEU B 22 15.03 5.19 -16.56
CA LEU B 22 15.12 3.88 -15.89
C LEU B 22 13.79 3.49 -15.26
N ILE B 23 13.17 4.45 -14.56
CA ILE B 23 11.88 4.21 -13.92
C ILE B 23 10.85 3.72 -14.94
N ASP B 24 10.84 4.31 -16.13
CA ASP B 24 9.81 3.91 -17.10
C ASP B 24 10.11 2.62 -17.90
N SER B 25 11.20 1.92 -17.58
CA SER B 25 11.53 0.67 -18.27
C SER B 25 10.69 -0.46 -17.72
N PHE B 26 10.52 -1.52 -18.51
CA PHE B 26 9.75 -2.69 -18.04
C PHE B 26 10.28 -3.34 -16.72
N PRO B 27 11.60 -3.57 -16.59
CA PRO B 27 12.08 -4.17 -15.33
C PRO B 27 11.85 -3.34 -14.08
N PHE B 28 11.84 -2.02 -14.19
CA PHE B 28 11.58 -1.20 -13.02
C PHE B 28 10.06 -1.18 -12.73
N GLN B 29 9.23 -1.01 -13.76
CA GLN B 29 7.78 -1.07 -13.60
C GLN B 29 7.31 -2.37 -12.93
N ARG B 30 7.93 -3.52 -13.27
CA ARG B 30 7.64 -4.82 -12.63
C ARG B 30 7.62 -4.73 -11.09
N LEU B 31 8.47 -3.87 -10.54
CA LEU B 31 8.56 -3.77 -9.08
C LEU B 31 7.29 -3.26 -8.40
N ARG B 32 6.40 -2.63 -9.15
CA ARG B 32 5.07 -2.23 -8.62
C ARG B 32 4.22 -3.43 -8.28
N TYR B 33 4.59 -4.61 -8.80
CA TYR B 33 3.77 -5.81 -8.58
C TYR B 33 4.46 -6.80 -7.65
N VAL B 34 5.41 -6.27 -6.86
CA VAL B 34 6.13 -7.05 -5.89
C VAL B 34 6.05 -6.33 -4.52
N LYS B 35 5.24 -6.85 -3.60
CA LYS B 35 5.14 -6.26 -2.25
C LYS B 35 6.47 -6.34 -1.57
N GLN B 36 6.87 -5.23 -0.95
CA GLN B 36 8.10 -5.16 -0.19
C GLN B 36 8.16 -6.28 0.82
N LEU B 37 7.04 -6.51 1.54
CA LEU B 37 7.04 -7.46 2.66
C LEU B 37 6.32 -8.77 2.35
N GLY B 38 6.03 -9.04 1.08
CA GLY B 38 5.57 -10.38 0.70
C GLY B 38 4.18 -10.60 1.23
N LEU B 39 4.03 -11.65 2.03
CA LEU B 39 2.74 -12.01 2.65
C LEU B 39 2.46 -11.33 3.99
N ALA B 40 3.33 -10.42 4.43
CA ALA B 40 3.12 -9.77 5.72
C ALA B 40 1.76 -9.05 5.84
N TYR B 41 1.16 -8.60 4.73
CA TYR B 41 -0.18 -7.95 4.76
C TYR B 41 -1.28 -8.87 5.35
N LEU B 42 -1.02 -10.17 5.40
CA LEU B 42 -2.01 -11.09 5.98
C LEU B 42 -2.01 -10.96 7.51
N VAL B 43 -0.97 -10.31 8.05
CA VAL B 43 -0.83 -10.08 9.50
C VAL B 43 -0.98 -8.58 9.79
N PHE B 44 -0.31 -7.74 9.01
CA PHE B 44 -0.36 -6.25 9.12
C PHE B 44 -1.06 -5.77 7.86
N PRO B 45 -2.40 -5.55 7.92
CA PRO B 45 -3.13 -5.40 6.65
C PRO B 45 -2.73 -4.23 5.76
N SER B 46 -2.18 -3.16 6.35
CA SER B 46 -1.75 -1.99 5.55
C SER B 46 -0.36 -2.14 4.92
N ALA B 47 0.27 -3.31 5.07
CA ALA B 47 1.64 -3.50 4.51
C ALA B 47 1.59 -3.81 3.00
N GLN B 48 1.10 -2.83 2.24
CA GLN B 48 0.81 -2.95 0.79
C GLN B 48 1.86 -2.29 -0.08
N HIS B 49 2.82 -1.63 0.54
CA HIS B 49 3.89 -0.94 -0.19
C HIS B 49 4.75 -1.90 -1.02
N THR B 50 5.25 -1.42 -2.18
CA THR B 50 5.93 -2.31 -3.10
C THR B 50 7.40 -1.91 -3.25
N ARG B 51 8.18 -2.78 -3.92
CA ARG B 51 9.61 -2.49 -4.16
C ARG B 51 9.81 -1.27 -5.07
N PHE B 52 8.80 -0.89 -5.86
CA PHE B 52 8.90 0.31 -6.72
C PHE B 52 9.08 1.59 -5.87
N GLU B 53 8.18 1.77 -4.92
CA GLU B 53 8.27 2.95 -4.01
C GLU B 53 9.49 2.91 -3.12
N HIS B 54 9.86 1.72 -2.64
CA HIS B 54 11.12 1.56 -1.86
C HIS B 54 12.32 1.97 -2.69
N SER B 55 12.40 1.52 -3.95
CA SER B 55 13.52 1.95 -4.83
C SER B 55 13.63 3.46 -5.08
N LEU B 56 12.50 4.12 -5.36
CA LEU B 56 12.45 5.58 -5.35
C LEU B 56 12.96 6.17 -4.04
N GLY B 57 12.55 5.58 -2.91
CA GLY B 57 13.00 6.09 -1.60
C GLY B 57 14.50 5.92 -1.42
N VAL B 58 15.05 4.81 -1.92
CA VAL B 58 16.50 4.55 -1.82
C VAL B 58 17.30 5.58 -2.64
N TYR B 59 16.82 5.83 -3.86
CA TYR B 59 17.39 6.90 -4.70
C TYR B 59 17.43 8.23 -3.97
N HIS B 60 16.30 8.60 -3.36
CA HIS B 60 16.19 9.84 -2.61
C HIS B 60 17.17 9.97 -1.43
N ILE B 61 17.20 8.93 -0.58
CA ILE B 61 18.12 8.92 0.57
C ILE B 61 19.60 8.85 0.13
N THR B 62 19.88 8.04 -0.90
CA THR B 62 21.24 8.01 -1.47
C THR B 62 21.67 9.43 -1.87
N GLU B 63 20.81 10.16 -2.57
CA GLU B 63 21.13 11.52 -2.96
C GLU B 63 21.47 12.40 -1.76
N ARG B 64 20.61 12.34 -0.75
CA ARG B 64 20.80 13.06 0.50
C ARG B 64 22.12 12.73 1.18
N ILE B 65 22.43 11.45 1.28
CA ILE B 65 23.70 11.05 1.92
C ILE B 65 24.92 11.52 1.09
N CYS B 66 24.85 11.35 -0.23
CA CYS B 66 25.94 11.81 -1.10
C CYS B 66 26.17 13.32 -0.95
N GLU B 67 25.08 14.08 -0.85
CA GLU B 67 25.13 15.53 -0.60
C GLU B 67 25.78 15.87 0.71
N SER B 68 25.40 15.18 1.80
CA SER B 68 25.96 15.40 3.13
C SER B 68 27.44 15.00 3.18
N LEU B 69 27.81 13.94 2.45
CA LEU B 69 29.18 13.42 2.49
C LEU B 69 30.11 14.05 1.43
N LYS B 70 29.56 14.90 0.60
CA LYS B 70 30.30 15.49 -0.54
C LYS B 70 31.00 14.44 -1.43
N VAL B 71 30.25 13.42 -1.79
CA VAL B 71 30.72 12.39 -2.66
C VAL B 71 30.79 12.88 -4.11
N LYS B 72 31.89 12.61 -4.82
CA LYS B 72 32.01 13.09 -6.20
C LYS B 72 31.12 12.36 -7.22
N GLU B 73 31.05 11.03 -7.11
CA GLU B 73 30.29 10.20 -8.06
C GLU B 73 28.81 10.12 -7.69
N LYS B 74 28.23 11.24 -7.30
CA LYS B 74 26.87 11.25 -6.76
C LYS B 74 25.85 10.59 -7.70
N GLU B 75 25.86 10.95 -8.98
CA GLU B 75 24.82 10.47 -9.84
C GLU B 75 24.93 8.96 -10.00
N LEU B 76 26.15 8.43 -10.17
CA LEU B 76 26.30 6.97 -10.34
C LEU B 76 25.81 6.21 -9.08
N VAL B 77 26.12 6.73 -7.91
CA VAL B 77 25.68 6.10 -6.65
C VAL B 77 24.14 6.16 -6.49
N LYS B 78 23.53 7.31 -6.82
CA LYS B 78 22.06 7.42 -6.78
C LYS B 78 21.41 6.34 -7.66
N LEU B 79 21.96 6.13 -8.87
CA LEU B 79 21.39 5.12 -9.76
C LEU B 79 21.63 3.70 -9.23
N ALA B 80 22.76 3.47 -8.58
CA ALA B 80 23.04 2.21 -7.96
C ALA B 80 21.97 1.92 -6.93
N GLY B 81 21.57 2.96 -6.15
CA GLY B 81 20.52 2.86 -5.14
C GLY B 81 19.18 2.59 -5.81
N LEU B 82 18.86 3.38 -6.85
CA LEU B 82 17.59 3.20 -7.57
C LEU B 82 17.44 1.78 -8.07
N LEU B 83 18.52 1.16 -8.55
CA LEU B 83 18.41 -0.14 -9.25
C LEU B 83 18.69 -1.35 -8.37
N HIS B 84 18.88 -1.11 -7.07
CA HIS B 84 19.29 -2.14 -6.11
C HIS B 84 18.37 -3.36 -6.02
N ASP B 85 17.07 -3.18 -6.29
CA ASP B 85 16.06 -4.22 -6.13
C ASP B 85 15.61 -4.89 -7.42
N LEU B 86 16.25 -4.56 -8.55
CA LEU B 86 15.75 -5.06 -9.84
C LEU B 86 15.64 -6.59 -9.86
N GLY B 87 16.52 -7.26 -9.13
CA GLY B 87 16.55 -8.73 -9.22
C GLY B 87 15.91 -9.42 -8.03
N HIS B 88 15.09 -8.68 -7.29
CA HIS B 88 14.39 -9.27 -6.16
C HIS B 88 13.19 -10.11 -6.66
N PRO B 89 13.12 -11.40 -6.26
CA PRO B 89 11.91 -12.14 -6.64
C PRO B 89 10.70 -11.73 -5.77
N PRO B 90 9.47 -12.14 -6.15
CA PRO B 90 8.36 -11.92 -5.23
C PRO B 90 8.58 -12.60 -3.87
N PHE B 91 8.08 -11.96 -2.82
CA PHE B 91 8.11 -12.48 -1.45
C PHE B 91 9.44 -12.33 -0.71
N SER B 92 9.42 -12.83 0.52
CA SER B 92 10.55 -12.79 1.44
C SER B 92 11.41 -14.06 1.42
N HIS B 93 12.73 -13.90 1.44
CA HIS B 93 13.66 -15.04 1.49
C HIS B 93 13.51 -15.98 0.33
N THR B 94 13.45 -15.43 -0.86
CA THR B 94 13.24 -16.30 -1.96
C THR B 94 14.19 -16.04 -3.12
N THR B 95 15.38 -15.59 -2.79
CA THR B 95 16.43 -15.39 -3.73
C THR B 95 17.22 -16.72 -3.65
N GLU B 96 17.32 -17.22 -2.40
CA GLU B 96 17.98 -18.48 -2.09
C GLU B 96 17.23 -19.64 -2.72
N VAL B 97 15.96 -19.41 -3.07
CA VAL B 97 15.14 -20.41 -3.76
C VAL B 97 15.43 -20.41 -5.28
N LEU B 98 15.63 -19.21 -5.84
CA LEU B 98 15.78 -19.07 -7.30
C LEU B 98 17.18 -19.36 -7.80
N LEU B 99 18.18 -18.89 -7.06
CA LEU B 99 19.58 -19.01 -7.46
C LEU B 99 20.02 -20.44 -7.86
N PRO B 100 19.73 -21.45 -7.01
CA PRO B 100 20.15 -22.81 -7.36
C PRO B 100 19.48 -23.40 -8.61
N ARG B 101 18.44 -22.74 -9.14
CA ARG B 101 17.84 -23.19 -10.39
C ARG B 101 18.75 -22.90 -11.58
N GLU B 102 19.07 -21.62 -11.79
CA GLU B 102 20.00 -21.21 -12.86
C GLU B 102 21.40 -21.79 -12.63
N ARG B 103 22.02 -22.22 -13.73
CA ARG B 103 23.32 -22.91 -13.69
C ARG B 103 24.47 -22.04 -13.18
N SER B 104 24.42 -20.74 -13.46
CA SER B 104 25.53 -19.82 -13.17
C SER B 104 25.58 -19.30 -11.72
N HIS B 105 24.43 -19.36 -11.04
CA HIS B 105 24.22 -18.67 -9.75
C HIS B 105 24.57 -17.16 -9.85
N GLU B 106 24.41 -16.57 -11.04
CA GLU B 106 24.61 -15.14 -11.23
C GLU B 106 23.49 -14.40 -10.50
N ASP B 107 23.83 -13.33 -9.81
CA ASP B 107 22.85 -12.53 -9.09
C ASP B 107 21.81 -11.98 -10.09
N PHE B 108 20.52 -12.09 -9.77
CA PHE B 108 19.46 -11.63 -10.69
C PHE B 108 19.47 -10.12 -10.92
N THR B 109 19.96 -9.37 -9.94
CA THR B 109 20.11 -7.92 -10.12
C THR B 109 21.12 -7.59 -11.20
N GLU B 110 22.28 -8.24 -11.15
CA GLU B 110 23.28 -8.09 -12.19
C GLU B 110 22.73 -8.48 -13.56
N ARG B 111 21.99 -9.59 -13.63
CA ARG B 111 21.40 -10.04 -14.87
C ARG B 111 20.35 -9.09 -15.44
N VAL B 112 19.48 -8.55 -14.59
CA VAL B 112 18.46 -7.62 -15.08
C VAL B 112 19.13 -6.33 -15.60
N ILE B 113 20.15 -5.86 -14.90
CA ILE B 113 20.89 -4.69 -15.35
C ILE B 113 21.55 -4.88 -16.75
N LYS B 114 22.15 -6.04 -16.95
CA LYS B 114 22.98 -6.29 -18.14
C LYS B 114 22.21 -6.93 -19.29
N GLU B 115 21.13 -7.66 -18.99
CA GLU B 115 20.40 -8.39 -20.04
C GLU B 115 19.06 -7.82 -20.54
N THR B 116 18.69 -6.65 -20.09
CA THR B 116 17.42 -6.03 -20.45
C THR B 116 17.72 -4.64 -21.02
N GLU B 117 16.65 -3.88 -21.28
CA GLU B 117 16.77 -2.51 -21.81
C GLU B 117 17.49 -1.60 -20.81
N ILE B 118 17.58 -2.01 -19.54
CA ILE B 118 18.31 -1.20 -18.54
C ILE B 118 19.75 -0.90 -18.97
N TYR B 119 20.39 -1.93 -19.51
CA TYR B 119 21.76 -1.77 -19.99
C TYR B 119 21.91 -0.63 -21.02
N GLU B 120 21.03 -0.64 -22.02
CA GLU B 120 21.02 0.40 -23.06
C GLU B 120 20.74 1.79 -22.51
N ILE B 121 19.82 1.87 -21.55
CA ILE B 121 19.49 3.16 -20.95
C ILE B 121 20.72 3.69 -20.24
N LEU B 122 21.41 2.85 -19.48
CA LEU B 122 22.57 3.33 -18.74
C LEU B 122 23.72 3.80 -19.66
N LYS B 123 23.93 3.09 -20.74
CA LYS B 123 24.98 3.46 -21.72
C LYS B 123 24.82 4.87 -22.26
N GLN B 124 23.59 5.42 -22.22
CA GLN B 124 23.37 6.81 -22.69
C GLN B 124 24.26 7.75 -21.93
N ASP B 125 24.52 7.45 -20.66
CA ASP B 125 25.28 8.36 -19.82
C ASP B 125 26.60 7.81 -19.32
N TYR B 126 26.80 6.50 -19.40
CA TYR B 126 27.98 5.88 -18.77
C TYR B 126 28.63 4.88 -19.69
N SER B 127 29.93 4.71 -19.52
CA SER B 127 30.69 3.65 -20.21
C SER B 127 30.36 2.27 -19.62
N HIS B 128 30.65 1.19 -20.36
CA HIS B 128 30.38 -0.14 -19.84
C HIS B 128 31.19 -0.42 -18.57
N GLU B 129 32.31 0.26 -18.40
CA GLU B 129 33.16 0.08 -17.25
C GLU B 129 32.49 0.74 -16.03
N ASP B 130 31.92 1.92 -16.23
CA ASP B 130 31.16 2.56 -15.14
C ASP B 130 29.91 1.80 -14.76
N ILE B 131 29.27 1.16 -15.72
CA ILE B 131 28.16 0.25 -15.46
C ILE B 131 28.62 -0.97 -14.62
N GLU B 132 29.80 -1.53 -14.91
CA GLU B 132 30.32 -2.61 -14.06
C GLU B 132 30.57 -2.10 -12.65
N ARG B 133 31.06 -0.87 -12.53
CA ARG B 133 31.25 -0.25 -11.23
C ARG B 133 29.91 -0.14 -10.48
N LEU B 134 28.84 0.27 -11.17
CA LEU B 134 27.54 0.48 -10.52
C LEU B 134 27.00 -0.88 -10.06
N VAL B 135 27.21 -1.92 -10.86
CA VAL B 135 26.83 -3.28 -10.46
C VAL B 135 27.59 -3.71 -9.18
N ARG B 136 28.91 -3.46 -9.11
CA ARG B 136 29.67 -3.85 -7.89
C ARG B 136 29.17 -3.08 -6.68
N ILE B 137 28.97 -1.78 -6.88
CA ILE B 137 28.53 -0.91 -5.78
C ILE B 137 27.13 -1.34 -5.24
N THR B 138 26.20 -1.62 -6.15
CA THR B 138 24.87 -1.94 -5.72
C THR B 138 24.76 -3.33 -5.09
N LEU B 139 25.65 -4.25 -5.50
CA LEU B 139 25.60 -5.61 -4.97
C LEU B 139 26.51 -5.76 -3.74
N GLY B 140 27.23 -4.70 -3.39
CA GLY B 140 28.12 -4.77 -2.22
C GLY B 140 29.34 -5.63 -2.52
N LYS B 141 29.83 -5.61 -3.76
CA LYS B 141 31.05 -6.34 -4.16
C LYS B 141 32.14 -5.38 -4.68
N PRO B 142 32.53 -4.38 -3.87
CA PRO B 142 33.53 -3.40 -4.32
C PRO B 142 34.88 -4.02 -4.66
N GLU B 143 35.61 -3.45 -5.60
CA GLU B 143 36.91 -4.03 -5.94
C GLU B 143 38.07 -3.24 -5.38
N ASP B 144 37.80 -2.09 -4.77
CA ASP B 144 38.85 -1.30 -4.14
C ASP B 144 38.24 -0.41 -3.07
N GLU B 145 39.08 0.36 -2.39
CA GLU B 145 38.60 1.16 -1.29
C GLU B 145 37.65 2.29 -1.71
N GLU B 146 37.84 2.81 -2.93
CA GLU B 146 36.96 3.84 -3.49
C GLU B 146 35.53 3.33 -3.63
N GLU B 147 35.37 2.18 -4.29
CA GLU B 147 34.09 1.54 -4.47
C GLU B 147 33.49 1.11 -3.14
N LYS B 148 34.34 0.75 -2.20
CA LYS B 148 33.86 0.33 -0.90
C LYS B 148 33.08 1.45 -0.21
N LEU B 149 33.66 2.65 -0.11
CA LEU B 149 32.92 3.80 0.43
C LEU B 149 31.55 4.02 -0.24
N LEU B 150 31.55 4.01 -1.56
CA LEU B 150 30.31 4.24 -2.32
C LEU B 150 29.29 3.17 -2.05
N SER B 151 29.75 1.91 -2.01
CA SER B 151 28.86 0.82 -1.75
C SER B 151 28.25 0.90 -0.31
N GLU B 152 29.06 1.25 0.68
CA GLU B 152 28.60 1.45 2.07
C GLU B 152 27.46 2.45 2.19
N ILE B 153 27.45 3.48 1.34
CA ILE B 153 26.40 4.50 1.33
C ILE B 153 25.03 3.86 1.08
N ILE B 154 25.00 2.82 0.27
CA ILE B 154 23.74 2.08 -0.01
C ILE B 154 23.52 0.85 0.88
N THR B 155 24.57 0.05 1.10
CA THR B 155 24.39 -1.29 1.65
C THR B 155 25.00 -1.41 3.05
N GLY B 156 25.60 -0.32 3.55
CA GLY B 156 26.31 -0.38 4.86
C GLY B 156 25.32 -0.35 6.02
N GLU B 157 25.86 -0.27 7.24
CA GLU B 157 25.05 -0.24 8.46
C GLU B 157 24.09 0.95 8.49
N PHE B 158 24.53 2.07 7.91
CA PHE B 158 23.74 3.31 7.73
C PHE B 158 23.26 3.43 6.32
N GLY B 159 23.15 2.33 5.59
CA GLY B 159 22.95 2.45 4.16
C GLY B 159 21.58 3.02 3.84
N SER B 160 21.47 3.65 2.66
CA SER B 160 20.21 4.24 2.20
C SER B 160 19.13 3.17 2.02
N ASP B 161 19.52 1.94 1.65
CA ASP B 161 18.56 0.79 1.55
C ASP B 161 17.81 0.57 2.88
N ARG B 162 18.56 0.28 3.94
CA ARG B 162 18.04 0.10 5.33
C ARG B 162 17.28 1.34 5.84
N MET B 163 17.84 2.53 5.62
CA MET B 163 17.19 3.74 6.12
C MET B 163 15.81 3.90 5.50
N ASP B 164 15.69 3.64 4.20
CA ASP B 164 14.37 3.66 3.60
C ASP B 164 13.46 2.55 4.11
N TYR B 165 13.86 1.27 4.03
CA TYR B 165 12.87 0.23 4.36
C TYR B 165 12.47 0.20 5.83
N LEU B 166 13.36 0.62 6.73
CA LEU B 166 12.95 0.60 8.14
C LEU B 166 11.80 1.56 8.37
N ARG B 167 11.96 2.78 7.83
CA ARG B 167 10.92 3.81 8.01
C ARG B 167 9.70 3.50 7.14
N ARG B 168 9.89 3.06 5.91
CA ARG B 168 8.73 2.72 5.08
C ARG B 168 7.93 1.54 5.67
N ASP B 169 8.64 0.50 6.11
CA ASP B 169 7.95 -0.65 6.75
C ASP B 169 7.21 -0.19 8.00
N ALA B 170 7.83 0.69 8.79
CA ALA B 170 7.15 1.19 10.00
C ALA B 170 5.87 1.97 9.65
N TYR B 171 5.96 2.79 8.60
CA TYR B 171 4.88 3.69 8.19
C TYR B 171 3.63 2.93 7.72
N PHE B 172 3.87 1.89 6.91
CA PHE B 172 2.79 1.07 6.37
C PHE B 172 2.27 -0.02 7.31
N CYS B 173 3.15 -0.68 8.05
CA CYS B 173 2.69 -1.73 8.96
C CYS B 173 1.95 -1.08 10.10
N GLY B 174 2.39 0.12 10.47
CA GLY B 174 1.83 0.85 11.63
C GLY B 174 2.63 0.57 12.89
N VAL B 175 3.96 0.73 12.84
CA VAL B 175 4.80 0.43 13.99
C VAL B 175 5.56 1.69 14.36
N SER B 176 5.04 2.48 15.29
CA SER B 176 5.63 3.80 15.57
C SER B 176 7.03 3.72 16.14
N TYR B 177 7.33 2.60 16.80
CA TYR B 177 8.71 2.42 17.32
C TYR B 177 9.80 2.29 16.25
N GLY B 178 9.42 2.07 14.98
CA GLY B 178 10.38 1.90 13.86
C GLY B 178 10.87 3.20 13.23
N PHE B 179 10.25 4.33 13.61
CA PHE B 179 10.69 5.66 13.18
C PHE B 179 11.91 6.15 13.97
N PHE B 180 12.78 6.83 13.26
CA PHE B 180 13.99 7.42 13.82
C PHE B 180 14.19 8.73 13.03
N ASP B 181 15.02 9.59 13.59
CA ASP B 181 15.26 10.90 13.01
C ASP B 181 16.31 10.69 11.93
N TYR B 182 15.87 10.31 10.73
CA TYR B 182 16.81 9.94 9.67
C TYR B 182 17.55 11.19 9.24
N ASP B 183 16.86 12.32 9.25
CA ASP B 183 17.45 13.56 8.78
C ASP B 183 18.68 13.98 9.60
N ARG B 184 18.55 13.89 10.93
CA ARG B 184 19.59 14.26 11.86
C ARG B 184 20.69 13.26 11.75
N LEU B 185 20.39 11.97 11.65
CA LEU B 185 21.45 10.98 11.50
C LEU B 185 22.27 11.22 10.24
N ILE B 186 21.61 11.50 9.13
CA ILE B 186 22.32 11.74 7.86
C ILE B 186 23.22 12.94 8.02
N SER B 187 22.71 13.98 8.66
CA SER B 187 23.52 15.20 8.80
C SER B 187 24.79 15.01 9.64
N THR B 188 24.86 13.95 10.46
CA THR B 188 26.03 13.77 11.36
C THR B 188 26.99 12.72 10.86
N LEU B 189 26.72 12.18 9.67
CA LEU B 189 27.60 11.21 9.04
C LEU B 189 28.84 11.93 8.49
N ARG B 190 29.97 11.24 8.54
CA ARG B 190 31.24 11.76 8.04
C ARG B 190 31.96 10.61 7.33
N VAL B 191 32.80 10.97 6.38
CA VAL B 191 33.78 10.06 5.82
C VAL B 191 35.10 10.23 6.59
N TYR B 192 35.64 9.16 7.12
CA TYR B 192 36.89 9.22 7.84
C TYR B 192 37.64 7.92 7.57
N GLU B 193 38.87 8.05 7.06
CA GLU B 193 39.69 6.89 6.68
C GLU B 193 38.91 5.92 5.79
N ASN B 194 38.24 6.49 4.79
CA ASN B 194 37.44 5.74 3.84
C ASN B 194 36.26 4.92 4.40
N LYS B 195 35.76 5.34 5.56
CA LYS B 195 34.62 4.69 6.20
C LYS B 195 33.57 5.74 6.40
N VAL B 196 32.30 5.32 6.36
CA VAL B 196 31.21 6.19 6.83
C VAL B 196 31.12 6.05 8.33
N VAL B 197 31.24 7.16 9.03
CA VAL B 197 31.25 7.13 10.49
C VAL B 197 30.25 8.14 11.01
N VAL B 198 30.00 8.17 12.31
CA VAL B 198 29.02 9.12 12.83
C VAL B 198 29.81 10.13 13.66
N ASP B 199 29.61 11.42 13.42
CA ASP B 199 30.15 12.43 14.34
C ASP B 199 29.53 12.26 15.73
N GLU B 200 30.23 12.66 16.79
CA GLU B 200 29.74 12.51 18.14
C GLU B 200 28.45 13.29 18.42
N SER B 201 28.25 14.42 17.74
CA SER B 201 26.96 15.12 17.76
C SER B 201 25.78 14.21 17.31
N GLY B 202 26.07 13.12 16.60
CA GLY B 202 25.03 12.19 16.14
C GLY B 202 24.81 10.95 16.99
N LEU B 203 25.38 10.94 18.20
CA LEU B 203 25.36 9.71 19.02
C LEU B 203 23.95 9.31 19.40
N ARG B 204 23.11 10.26 19.82
CA ARG B 204 21.69 9.94 20.10
C ARG B 204 20.95 9.46 18.82
N ALA B 205 21.22 10.10 17.70
CA ALA B 205 20.59 9.70 16.43
C ALA B 205 20.94 8.26 16.09
N LEU B 206 22.18 7.87 16.38
CA LEU B 206 22.63 6.50 16.14
C LEU B 206 21.94 5.50 17.09
N GLU B 207 21.88 5.83 18.38
CA GLU B 207 21.10 5.04 19.34
C GLU B 207 19.68 4.85 18.82
N ASN B 208 19.02 5.94 18.42
CA ASN B 208 17.61 5.87 17.99
C ASN B 208 17.49 4.95 16.78
N PHE B 209 18.42 5.09 15.86
CA PHE B 209 18.41 4.23 14.65
C PHE B 209 18.53 2.76 15.02
N LEU B 210 19.52 2.41 15.84
CA LEU B 210 19.74 1.01 16.21
C LEU B 210 18.54 0.41 16.97
N ILE B 211 17.96 1.21 17.87
CA ILE B 211 16.77 0.80 18.61
C ILE B 211 15.55 0.64 17.71
N SER B 212 15.35 1.58 16.77
CA SER B 212 14.28 1.42 15.79
C SER B 212 14.43 0.15 15.01
N ARG B 213 15.65 -0.17 14.64
CA ARG B 213 15.90 -1.42 13.91
C ARG B 213 15.53 -2.62 14.79
N TYR B 214 15.90 -2.58 16.09
CA TYR B 214 15.48 -3.64 17.03
C TYR B 214 13.95 -3.88 16.98
N PHE B 215 13.16 -2.81 17.14
CA PHE B 215 11.69 -2.90 17.09
C PHE B 215 11.11 -3.48 15.83
N MET B 216 11.61 -3.04 14.69
CA MET B 216 11.16 -3.63 13.42
C MET B 216 11.36 -5.13 13.32
N TYR B 217 12.52 -5.63 13.74
CA TYR B 217 12.77 -7.09 13.75
C TYR B 217 11.85 -7.83 14.72
N VAL B 218 11.74 -7.39 15.97
CA VAL B 218 10.91 -8.13 16.94
C VAL B 218 9.40 -8.03 16.61
N GLN B 219 8.96 -6.87 16.11
CA GLN B 219 7.54 -6.64 15.86
C GLN B 219 7.07 -7.13 14.53
N VAL B 220 7.91 -7.05 13.50
CA VAL B 220 7.42 -7.31 12.14
C VAL B 220 8.23 -8.43 11.50
N TYR B 221 9.54 -8.26 11.32
CA TYR B 221 10.26 -9.22 10.46
C TYR B 221 10.32 -10.61 11.08
N PHE B 222 10.41 -10.67 12.40
CA PHE B 222 10.40 -11.94 13.12
C PHE B 222 9.06 -12.26 13.82
N HIS B 223 7.97 -11.59 13.42
CA HIS B 223 6.66 -11.84 14.01
C HIS B 223 6.39 -13.33 13.75
N LYS B 224 5.94 -14.04 14.76
CA LYS B 224 5.85 -15.51 14.63
C LYS B 224 4.97 -15.98 13.49
N VAL B 225 3.88 -15.27 13.21
CA VAL B 225 3.00 -15.65 12.09
C VAL B 225 3.57 -15.26 10.74
N VAL B 226 4.21 -14.08 10.68
CA VAL B 226 4.85 -13.69 9.43
C VAL B 226 5.85 -14.78 9.00
N ARG B 227 6.57 -15.36 9.97
CA ARG B 227 7.61 -16.34 9.68
C ARG B 227 7.02 -17.65 9.20
N ILE B 228 5.97 -18.13 9.83
CA ILE B 228 5.42 -19.44 9.38
C ILE B 228 4.75 -19.29 8.02
N LEU B 229 4.09 -18.15 7.74
CA LEU B 229 3.54 -17.98 6.37
C LEU B 229 4.66 -17.98 5.35
N SER B 230 5.80 -17.37 5.67
CA SER B 230 6.93 -17.36 4.75
C SER B 230 7.46 -18.78 4.57
N ILE B 231 7.55 -19.55 5.66
CA ILE B 231 7.96 -20.98 5.56
C ILE B 231 7.05 -21.77 4.61
N HIS B 232 5.73 -21.64 4.76
CA HIS B 232 4.80 -22.28 3.81
C HIS B 232 4.92 -21.75 2.40
N LEU B 233 5.14 -20.44 2.23
CA LEU B 233 5.26 -19.82 0.90
C LEU B 233 6.47 -20.36 0.16
N VAL B 234 7.62 -20.40 0.83
CA VAL B 234 8.86 -20.84 0.20
C VAL B 234 8.80 -22.32 -0.21
N GLU B 235 8.19 -23.15 0.63
CA GLU B 235 8.01 -24.57 0.26
C GLU B 235 7.14 -24.69 -0.98
N PHE B 236 6.11 -23.84 -1.09
CA PHE B 236 5.30 -23.84 -2.29
C PHE B 236 6.10 -23.35 -3.52
N LEU B 237 6.85 -22.25 -3.36
CA LEU B 237 7.55 -21.65 -4.47
C LEU B 237 8.64 -22.59 -5.00
N LYS B 238 9.26 -23.36 -4.10
CA LYS B 238 10.21 -24.42 -4.50
C LYS B 238 9.60 -25.41 -5.52
N LYS B 239 8.33 -25.77 -5.30
CA LYS B 239 7.63 -26.69 -6.18
C LYS B 239 7.35 -26.04 -7.53
N LEU B 240 6.85 -24.83 -7.50
CA LEU B 240 6.43 -24.09 -8.69
C LEU B 240 7.56 -23.87 -9.71
N ILE B 241 8.76 -23.60 -9.21
CA ILE B 241 9.93 -23.32 -10.02
C ILE B 241 10.76 -24.54 -10.28
N SER B 242 10.48 -25.64 -9.59
CA SER B 242 11.29 -26.88 -9.66
C SER B 242 11.76 -27.27 -11.06
N GLN B 243 10.88 -27.10 -12.05
CA GLN B 243 11.23 -27.41 -13.44
C GLN B 243 11.24 -26.17 -14.33
N GLU B 244 11.07 -25.00 -13.72
CA GLU B 244 11.18 -23.75 -14.47
C GLU B 244 12.67 -23.41 -14.72
N ASP B 245 12.92 -22.75 -15.84
CA ASP B 245 14.28 -22.48 -16.32
C ASP B 245 14.51 -20.98 -16.48
N PHE B 246 15.57 -20.47 -15.84
CA PHE B 246 15.83 -19.03 -15.85
C PHE B 246 16.94 -18.59 -16.78
N THR B 247 17.27 -19.42 -17.78
CA THR B 247 18.30 -19.02 -18.73
C THR B 247 17.80 -17.84 -19.55
N ASP B 248 16.48 -17.79 -19.77
CA ASP B 248 15.83 -16.60 -20.31
C ASP B 248 15.36 -15.70 -19.12
N ILE B 249 15.95 -14.51 -19.05
CA ILE B 249 15.69 -13.57 -17.95
C ILE B 249 14.18 -13.19 -17.85
N ASN B 250 13.46 -13.33 -18.98
CA ASN B 250 12.02 -13.04 -19.00
C ASN B 250 11.20 -14.00 -18.16
N ASN B 251 11.74 -15.19 -17.89
CA ASN B 251 11.11 -16.11 -16.98
C ASN B 251 11.29 -15.66 -15.51
N PHE B 252 12.36 -14.94 -15.21
CA PHE B 252 12.48 -14.24 -13.92
C PHE B 252 11.51 -13.06 -13.85
N LEU B 253 11.52 -12.22 -14.89
CA LEU B 253 10.73 -10.98 -14.93
C LEU B 253 9.23 -11.20 -14.88
N ARG B 254 8.74 -12.34 -15.37
CA ARG B 254 7.32 -12.66 -15.27
C ARG B 254 6.88 -13.11 -13.87
N LEU B 255 7.85 -13.35 -13.00
CA LEU B 255 7.58 -13.70 -11.60
C LEU B 255 7.20 -12.45 -10.81
N ASN B 256 5.93 -12.34 -10.45
CA ASN B 256 5.45 -11.30 -9.56
C ASN B 256 4.49 -11.90 -8.54
N ASP B 257 4.00 -11.12 -7.57
CA ASP B 257 3.13 -11.68 -6.55
C ASP B 257 1.89 -12.35 -7.17
N ALA B 258 1.21 -11.62 -8.06
CA ALA B 258 -0.04 -12.06 -8.69
C ALA B 258 0.15 -13.39 -9.42
N PHE B 259 1.26 -13.54 -10.12
CA PHE B 259 1.51 -14.78 -10.83
C PHE B 259 1.51 -15.98 -9.86
N VAL B 260 2.29 -15.86 -8.80
CA VAL B 260 2.38 -16.90 -7.78
C VAL B 260 1.05 -17.13 -7.04
N ILE B 261 0.38 -16.06 -6.63
CA ILE B 261 -0.92 -16.14 -5.94
C ILE B 261 -1.96 -16.81 -6.84
N SER B 262 -1.93 -16.50 -8.14
CA SER B 262 -2.88 -17.12 -9.09
C SER B 262 -2.68 -18.64 -9.24
N GLU B 263 -1.44 -19.09 -9.44
CA GLU B 263 -1.11 -20.52 -9.44
C GLU B 263 -1.65 -21.23 -8.19
N LEU B 264 -1.60 -20.51 -7.07
CA LEU B 264 -2.05 -21.00 -5.78
C LEU B 264 -3.57 -21.06 -5.66
N PHE B 265 -4.26 -20.03 -6.17
CA PHE B 265 -5.72 -19.92 -6.08
C PHE B 265 -6.46 -20.88 -7.03
N LYS B 266 -5.77 -21.34 -8.08
CA LYS B 266 -6.45 -21.99 -9.20
C LYS B 266 -6.11 -23.47 -9.42
N ARG B 267 -4.84 -23.83 -9.24
CA ARG B 267 -4.42 -25.22 -9.39
C ARG B 267 -4.72 -26.04 -8.13
N LYS B 268 -5.45 -27.15 -8.31
CA LYS B 268 -5.86 -27.99 -7.18
C LYS B 268 -4.76 -28.93 -6.68
N ALA B 269 -3.72 -29.10 -7.50
CA ALA B 269 -2.51 -29.82 -7.07
C ALA B 269 -1.78 -29.11 -5.89
N PHE B 270 -2.13 -27.85 -5.66
CA PHE B 270 -1.53 -27.01 -4.61
C PHE B 270 -2.50 -26.65 -3.47
N ARG B 271 -3.61 -27.38 -3.35
CA ARG B 271 -4.66 -27.06 -2.38
C ARG B 271 -4.14 -26.91 -0.94
N GLU B 272 -3.19 -27.77 -0.60
CA GLU B 272 -2.64 -27.79 0.76
C GLU B 272 -1.85 -26.50 1.06
N ASP B 273 -0.98 -26.12 0.12
CA ASP B 273 -0.24 -24.85 0.14
C ASP B 273 -1.20 -23.67 0.27
N PHE B 274 -2.24 -23.68 -0.56
CA PHE B 274 -3.26 -22.67 -0.54
C PHE B 274 -3.93 -22.51 0.82
N GLU B 275 -4.30 -23.61 1.46
CA GLU B 275 -4.97 -23.56 2.75
C GLU B 275 -4.05 -23.01 3.84
N ARG B 276 -2.80 -23.47 3.81
CA ARG B 276 -1.81 -23.12 4.82
C ARG B 276 -1.52 -21.61 4.78
N ILE B 277 -1.53 -21.04 3.57
CA ILE B 277 -1.25 -19.62 3.34
C ILE B 277 -2.48 -18.71 3.40
N PHE B 278 -3.58 -19.09 2.70
CA PHE B 278 -4.72 -18.21 2.48
C PHE B 278 -6.02 -18.55 3.17
N GLN B 279 -6.10 -19.73 3.79
CA GLN B 279 -7.32 -20.12 4.49
C GLN B 279 -7.10 -20.36 5.97
N ARG B 280 -6.11 -19.67 6.53
CA ARG B 280 -5.87 -19.68 7.97
C ARG B 280 -5.48 -21.05 8.53
N LYS B 281 -4.94 -21.93 7.69
CA LYS B 281 -4.48 -23.24 8.18
C LYS B 281 -2.97 -23.30 8.36
N HIS B 282 -2.30 -22.15 8.45
CA HIS B 282 -0.85 -22.19 8.72
C HIS B 282 -0.59 -23.02 9.99
N PHE B 283 0.55 -23.70 10.07
CA PHE B 283 0.92 -24.40 11.32
C PHE B 283 0.89 -23.40 12.46
N LYS B 284 0.47 -23.86 13.64
CA LYS B 284 0.25 -22.97 14.79
C LYS B 284 1.46 -22.98 15.73
N THR B 285 1.81 -21.80 16.27
CA THR B 285 2.95 -21.67 17.18
C THR B 285 2.71 -22.46 18.45
N LEU B 286 3.57 -23.45 18.65
CA LEU B 286 3.51 -24.31 19.82
C LEU B 286 4.45 -23.76 20.87
N LEU B 287 5.59 -23.25 20.42
CA LEU B 287 6.58 -22.74 21.34
C LEU B 287 7.27 -21.54 20.72
N SER B 288 7.43 -20.47 21.48
CA SER B 288 8.30 -19.34 21.06
C SER B 288 9.16 -18.98 22.24
N THR B 289 10.50 -19.06 22.09
CA THR B 289 11.34 -18.90 23.25
C THR B 289 12.67 -18.27 22.92
N GLU B 290 13.25 -17.57 23.88
CA GLU B 290 14.63 -17.13 23.76
C GLU B 290 15.64 -18.18 24.28
N ASN B 291 15.13 -19.29 24.81
CA ASN B 291 15.97 -20.30 25.51
C ASN B 291 16.24 -21.44 24.57
N TYR B 292 17.45 -21.51 24.03
CA TYR B 292 17.80 -22.50 23.02
C TYR B 292 17.69 -23.91 23.57
N GLU B 293 18.08 -24.09 24.84
CA GLU B 293 18.02 -25.42 25.42
C GLU B 293 16.57 -25.93 25.53
N LYS B 294 15.67 -25.06 26.00
CA LYS B 294 14.25 -25.39 26.08
C LYS B 294 13.72 -25.74 24.70
N PHE B 295 14.07 -24.94 23.70
CA PHE B 295 13.68 -25.21 22.32
C PHE B 295 14.19 -26.59 21.86
N SER B 296 15.47 -26.85 22.10
CA SER B 296 16.10 -28.08 21.58
C SER B 296 15.50 -29.34 22.21
N GLU B 297 15.23 -29.28 23.50
CA GLU B 297 14.71 -30.44 24.23
C GLU B 297 13.25 -30.70 23.80
N THR B 298 12.49 -29.62 23.57
CA THR B 298 11.12 -29.75 23.10
C THR B 298 11.11 -30.28 21.69
N LYS B 299 11.94 -29.71 20.83
CA LYS B 299 12.12 -30.24 19.48
C LYS B 299 12.41 -31.76 19.49
N GLU B 300 13.40 -32.18 20.27
CA GLU B 300 13.73 -33.62 20.37
C GLU B 300 12.51 -34.49 20.78
N ARG B 301 11.79 -34.11 21.83
CA ARG B 301 10.60 -34.88 22.28
C ARG B 301 9.54 -34.98 21.19
N LEU B 302 9.35 -33.91 20.44
CA LEU B 302 8.34 -33.89 19.43
C LEU B 302 8.71 -34.83 18.31
N LEU B 303 9.98 -34.78 17.92
CA LEU B 303 10.43 -35.57 16.78
C LEU B 303 10.51 -37.07 17.11
N GLU B 304 10.61 -37.39 18.41
CA GLU B 304 10.51 -38.78 18.86
C GLU B 304 9.07 -39.26 18.62
N LYS B 305 8.11 -38.36 18.73
CA LYS B 305 6.70 -38.74 18.74
C LYS B 305 5.92 -38.48 17.45
N PHE B 306 6.21 -37.36 16.78
CA PHE B 306 5.42 -36.92 15.64
C PHE B 306 6.21 -37.01 14.35
N PRO B 307 5.52 -37.25 13.23
CA PRO B 307 6.29 -37.29 11.99
C PRO B 307 6.77 -35.88 11.61
N GLN B 308 7.94 -35.79 10.98
CA GLN B 308 8.59 -34.52 10.73
C GLN B 308 7.74 -33.56 9.88
N GLU B 309 6.92 -34.11 8.99
CA GLU B 309 6.17 -33.33 8.00
C GLU B 309 5.06 -32.52 8.64
N LYS B 310 4.78 -32.79 9.90
CA LYS B 310 3.70 -32.13 10.63
C LYS B 310 4.21 -31.06 11.59
N VAL B 311 5.52 -30.81 11.59
CA VAL B 311 6.11 -29.77 12.45
C VAL B 311 7.05 -28.87 11.64
N ARG B 312 7.27 -27.64 12.10
CA ARG B 312 8.32 -26.82 11.51
C ARG B 312 9.07 -26.13 12.62
N PHE B 313 10.36 -25.95 12.42
CA PHE B 313 11.21 -25.29 13.40
C PHE B 313 11.83 -24.05 12.73
N ASP B 314 11.97 -23.00 13.50
CA ASP B 314 12.52 -21.76 12.97
C ASP B 314 13.42 -21.15 14.00
N GLU B 315 14.66 -20.94 13.63
CA GLU B 315 15.61 -20.29 14.52
C GLU B 315 15.94 -18.96 13.88
N VAL B 316 15.59 -17.85 14.53
CA VAL B 316 15.89 -16.54 13.91
C VAL B 316 16.89 -15.78 14.76
N GLU B 317 17.77 -15.04 14.09
CA GLU B 317 18.84 -14.31 14.79
C GLU B 317 19.19 -13.04 14.05
N LYS B 318 19.49 -12.01 14.81
CA LYS B 318 19.95 -10.80 14.21
C LYS B 318 20.75 -10.02 15.24
N GLU B 319 21.96 -9.65 14.84
CA GLU B 319 22.77 -8.71 15.55
C GLU B 319 22.05 -7.38 15.44
N VAL B 320 21.79 -6.76 16.57
CA VAL B 320 21.20 -5.40 16.67
C VAL B 320 22.34 -4.36 16.56
N TYR B 321 23.47 -4.65 17.19
CA TYR B 321 24.68 -3.87 17.04
C TYR B 321 25.85 -4.84 16.71
N GLY B 322 26.48 -4.67 15.56
CA GLY B 322 27.54 -5.62 15.16
C GLY B 322 28.97 -5.30 15.58
N GLY B 323 29.15 -4.36 16.51
CA GLY B 323 30.49 -3.99 16.98
C GLY B 323 31.37 -3.25 15.98
N ASN B 324 30.87 -2.95 14.78
CA ASN B 324 31.68 -2.31 13.76
C ASN B 324 31.23 -0.88 13.35
N ILE B 325 30.81 -0.07 14.32
CA ILE B 325 30.39 1.30 14.02
C ILE B 325 31.30 2.30 14.73
N TYR B 326 31.90 3.21 13.98
CA TYR B 326 32.79 4.21 14.61
C TYR B 326 32.13 5.55 14.79
N VAL B 327 32.41 6.16 15.94
CA VAL B 327 31.99 7.50 16.28
C VAL B 327 33.23 8.43 16.35
N LEU B 328 33.24 9.47 15.51
CA LEU B 328 34.31 10.45 15.46
C LEU B 328 34.20 11.42 16.63
N SER B 329 35.05 11.20 17.64
CA SER B 329 35.02 12.00 18.87
C SER B 329 36.11 13.06 18.83
N SER B 330 36.21 13.88 19.87
CA SER B 330 37.27 14.91 19.93
C SER B 330 38.68 14.28 19.85
N GLU B 331 38.84 13.10 20.45
CA GLU B 331 40.09 12.36 20.42
C GLU B 331 40.17 11.24 19.35
N GLY B 332 39.56 11.48 18.19
CA GLY B 332 39.60 10.51 17.10
C GLY B 332 38.52 9.43 17.21
N LEU B 333 38.60 8.43 16.34
CA LEU B 333 37.61 7.34 16.29
C LEU B 333 37.48 6.54 17.57
N LYS B 334 36.24 6.22 17.91
CA LYS B 334 35.93 5.33 19.03
C LYS B 334 34.79 4.43 18.55
N LYS B 335 34.56 3.35 19.28
CA LYS B 335 33.47 2.45 18.96
C LYS B 335 32.26 2.93 19.74
N ALA B 336 31.12 2.89 19.07
CA ALA B 336 29.88 3.43 19.61
C ALA B 336 29.56 2.91 21.01
N HIS B 337 29.78 1.62 21.24
CA HIS B 337 29.51 1.02 22.55
C HIS B 337 30.39 1.53 23.71
N GLU B 338 31.54 2.11 23.40
CA GLU B 338 32.33 2.82 24.42
C GLU B 338 31.64 4.08 24.96
N LEU B 339 30.77 4.70 24.14
CA LEU B 339 30.15 5.98 24.48
C LEU B 339 28.68 5.93 24.90
N SER B 340 28.00 4.81 24.57
CA SER B 340 26.55 4.67 24.79
C SER B 340 26.13 3.46 25.67
N PRO B 341 25.51 3.72 26.84
CA PRO B 341 25.08 2.53 27.59
C PRO B 341 23.97 1.79 26.84
N LEU B 342 23.19 2.51 26.03
CA LEU B 342 22.10 1.87 25.31
C LEU B 342 22.70 0.91 24.26
N ILE B 343 23.73 1.37 23.52
CA ILE B 343 24.36 0.56 22.45
C ILE B 343 25.15 -0.56 23.07
N ALA B 344 25.61 -0.29 24.27
CA ALA B 344 26.41 -1.21 25.06
C ALA B 344 25.54 -2.35 25.60
N SER B 345 24.25 -2.05 25.76
CA SER B 345 23.27 -3.00 26.24
C SER B 345 22.84 -3.96 25.15
N LEU B 346 22.99 -3.58 23.89
CA LEU B 346 22.35 -4.31 22.80
C LEU B 346 22.96 -5.69 22.55
N LYS B 347 22.15 -6.73 22.61
CA LYS B 347 22.63 -8.08 22.35
C LYS B 347 21.88 -8.59 21.12
N PRO B 348 22.36 -9.65 20.48
CA PRO B 348 21.64 -10.19 19.30
C PRO B 348 20.23 -10.65 19.67
N ILE B 349 19.30 -10.52 18.73
CA ILE B 349 17.96 -11.07 18.93
C ILE B 349 18.08 -12.55 18.60
N LYS B 350 17.63 -13.41 19.51
CA LYS B 350 17.64 -14.87 19.31
C LYS B 350 16.28 -15.42 19.67
N LEU B 351 15.57 -15.96 18.68
CA LEU B 351 14.23 -16.45 18.90
C LEU B 351 14.08 -17.83 18.26
N TYR B 352 13.45 -18.76 18.97
CA TYR B 352 13.31 -20.12 18.47
C TYR B 352 11.85 -20.51 18.52
N ARG B 353 11.32 -20.93 17.38
CA ARG B 353 9.90 -21.24 17.29
C ARG B 353 9.69 -22.66 16.83
N ILE B 354 8.64 -23.29 17.36
CA ILE B 354 8.16 -24.58 16.85
C ILE B 354 6.71 -24.38 16.46
N TYR B 355 6.36 -24.85 15.27
CA TYR B 355 5.01 -24.75 14.77
C TYR B 355 4.51 -26.14 14.49
N VAL B 356 3.21 -26.39 14.68
CA VAL B 356 2.67 -27.71 14.42
C VAL B 356 1.35 -27.66 13.61
N ASP B 357 1.16 -28.67 12.77
CA ASP B 357 -0.10 -28.85 12.04
C ASP B 357 -1.23 -28.63 13.01
N ARG B 358 -2.24 -27.89 12.58
CA ARG B 358 -3.43 -27.56 13.42
C ARG B 358 -4.16 -28.80 13.95
N GLN B 359 -4.11 -29.90 13.19
CA GLN B 359 -4.68 -31.19 13.62
C GLN B 359 -3.98 -31.80 14.85
N LEU B 360 -2.67 -31.61 14.96
CA LEU B 360 -1.87 -32.20 16.04
C LEU B 360 -1.55 -31.26 17.18
N TRP B 361 -2.02 -30.02 17.10
CA TRP B 361 -1.60 -29.03 18.04
C TRP B 361 -1.92 -29.43 19.50
N GLU B 362 -3.18 -29.77 19.77
CA GLU B 362 -3.62 -30.14 21.13
C GLU B 362 -2.87 -31.36 21.69
N LYS B 363 -2.73 -32.39 20.85
CA LYS B 363 -1.95 -33.59 21.16
C LYS B 363 -0.49 -33.23 21.47
N ALA B 364 0.11 -32.35 20.66
CA ALA B 364 1.50 -31.95 20.84
C ALA B 364 1.68 -31.12 22.10
N ARG B 365 0.64 -30.39 22.47
CA ARG B 365 0.68 -29.48 23.60
C ARG B 365 0.68 -30.24 24.93
N SER B 366 -0.30 -31.14 25.05
CA SER B 366 -0.51 -31.91 26.29
C SER B 366 0.53 -33.03 26.44
N GLU B 367 0.74 -33.78 25.37
CA GLU B 367 1.71 -34.88 25.37
C GLU B 367 3.18 -34.42 25.32
N LEU B 368 3.43 -33.14 25.63
CA LEU B 368 4.78 -32.57 25.49
C LEU B 368 5.15 -31.50 26.51
N LYS B 369 4.17 -31.02 27.27
CA LYS B 369 4.36 -29.99 28.31
C LYS B 369 3.01 -29.59 28.89
P PO4 C . -16.80 4.15 -0.87
O1 PO4 C . -17.54 2.83 -0.94
O2 PO4 C . -15.41 3.99 -0.31
O3 PO4 C . -16.71 4.73 -2.28
O4 PO4 C . -17.62 5.12 -0.08
ZN ZN D . -16.02 3.27 1.48
CL CL E . -17.97 -7.16 16.00
CL CL F . -9.02 4.02 -11.59
PB GDP G . 2.89 14.28 -17.45
O1B GDP G . 1.99 15.31 -16.78
O2B GDP G . 2.84 14.40 -18.97
O3B GDP G . 4.34 14.50 -16.99
O3A GDP G . 2.39 12.79 -17.07
PA GDP G . 3.32 11.57 -16.60
O1A GDP G . 4.78 11.73 -16.93
O2A GDP G . 2.80 10.28 -17.19
O5' GDP G . 3.14 11.46 -14.99
C5' GDP G . 2.74 12.53 -14.14
C4' GDP G . 3.11 12.26 -12.68
O4' GDP G . 3.16 10.87 -12.31
C3' GDP G . 4.45 12.83 -12.31
O3' GDP G . 4.21 13.58 -11.08
C2' GDP G . 5.25 11.62 -11.93
O2' GDP G . 6.09 12.02 -10.89
C1' GDP G . 4.22 10.64 -11.39
N9 GDP G . 4.60 9.22 -11.59
C8 GDP G . 4.31 8.21 -10.77
N7 GDP G . 4.74 7.03 -11.27
C5 GDP G . 5.32 7.30 -12.45
C6 GDP G . 5.99 6.51 -13.50
O6 GDP G . 6.08 5.30 -13.34
N1 GDP G . 6.44 7.12 -14.61
C2 GDP G . 6.32 8.46 -14.79
N2 GDP G . 6.82 9.00 -15.94
N3 GDP G . 5.71 9.25 -13.85
C4 GDP G . 5.21 8.73 -12.69
PB GDP H . -3.32 -16.25 15.90
O1B GDP H . -1.93 -15.74 16.25
O2B GDP H . -3.68 -17.38 16.84
O3B GDP H . -4.33 -15.13 16.08
O3A GDP H . -3.35 -16.80 14.36
PA GDP H . -3.92 -15.92 13.12
O1A GDP H . -5.38 -15.54 13.34
O2A GDP H . -3.78 -16.64 11.80
O5' GDP H . -2.97 -14.62 13.15
C5' GDP H . -3.14 -13.54 12.25
C4' GDP H . -3.18 -12.25 13.07
O4' GDP H . -3.01 -11.17 12.16
C3' GDP H . -4.51 -12.04 13.79
O3' GDP H . -4.38 -12.14 15.22
C2' GDP H . -4.97 -10.66 13.38
O2' GDP H . -4.71 -9.72 14.42
C1' GDP H . -4.15 -10.30 12.14
N9 GDP H . -4.89 -10.44 10.86
C8 GDP H . -4.65 -9.72 9.74
N7 GDP H . -5.48 -10.05 8.71
C5 GDP H . -6.30 -11.01 9.18
C6 GDP H . -7.43 -11.81 8.63
O6 GDP H . -7.81 -11.66 7.46
N1 GDP H . -8.03 -12.69 9.44
C2 GDP H . -7.65 -12.91 10.72
N2 GDP H . -8.30 -13.82 11.47
N3 GDP H . -6.63 -12.22 11.28
C4 GDP H . -5.92 -11.27 10.58
C1 GOL I . -1.19 -8.45 14.90
O1 GOL I . -0.23 -9.19 15.63
C2 GOL I . -0.34 -7.39 14.24
O2 GOL I . -0.06 -6.41 15.19
C3 GOL I . -0.94 -6.72 13.02
O3 GOL I . -2.32 -6.90 12.88
C1 GOL J . 2.22 12.78 -7.94
O1 GOL J . 3.24 11.90 -7.46
C2 GOL J . 2.70 14.22 -8.07
O2 GOL J . 2.84 14.68 -6.77
C3 GOL J . 1.62 15.10 -8.70
O3 GOL J . 1.91 15.27 -10.08
C1 GOL K . -2.16 13.35 6.78
O1 GOL K . -1.16 12.51 6.23
C2 GOL K . -2.94 12.51 7.79
O2 GOL K . -3.67 11.41 7.23
C3 GOL K . -3.68 13.34 8.86
O3 GOL K . -3.50 14.75 8.76
C1 GOL L . -11.62 7.84 -2.25
O1 GOL L . -11.16 6.73 -1.48
C2 GOL L . -13.10 7.71 -2.43
O2 GOL L . -13.36 6.34 -2.69
C3 GOL L . -13.65 8.70 -3.49
O3 GOL L . -13.29 8.40 -4.84
C1 GOL M . 5.55 -2.32 -18.96
O1 GOL M . 4.80 -2.63 -17.79
C2 GOL M . 6.32 -1.01 -18.78
O2 GOL M . 5.41 0.07 -18.65
C3 GOL M . 7.29 -0.70 -19.92
O3 GOL M . 6.79 -1.08 -21.18
C1 GOL N . -8.39 9.62 14.62
O1 GOL N . -8.06 8.57 15.52
C2 GOL N . -9.90 9.88 14.61
O2 GOL N . -10.51 8.72 15.04
C3 GOL N . -10.50 10.24 13.26
O3 GOL N . -9.53 10.84 12.42
P PO4 O . 16.75 -5.12 0.07
O1 PO4 O . 16.26 -6.29 0.93
O2 PO4 O . 18.01 -4.64 0.75
O3 PO4 O . 17.07 -5.68 -1.29
O4 PO4 O . 15.66 -4.07 0.06
P PO4 P . 2.23 1.49 17.48
O1 PO4 P . 2.69 2.36 16.34
O2 PO4 P . 2.69 2.09 18.80
O3 PO4 P . 0.72 1.42 17.50
O4 PO4 P . 2.78 0.08 17.28
P PO4 Q . 28.60 10.36 -11.85
O1 PO4 Q . 28.71 11.85 -12.08
O2 PO4 Q . 28.34 10.15 -10.39
O3 PO4 Q . 27.47 9.88 -12.70
O4 PO4 Q . 29.91 9.65 -12.21
ZN ZN R . 16.14 -2.45 -0.76
BR BR S . 18.62 11.08 -12.19
CL CL T . 6.49 -13.62 2.37
CL CL U . 18.23 -4.10 8.75
CL CL V . 13.79 14.19 2.90
C1 GOL W . 12.20 -5.47 4.42
O1 GOL W . 11.72 -4.24 3.95
C2 GOL W . 13.65 -5.61 4.06
O2 GOL W . 13.74 -5.92 2.68
C3 GOL W . 14.33 -6.62 5.00
O3 GOL W . 13.50 -7.74 5.31
C1 GOL X . 12.52 5.33 20.95
O1 GOL X . 11.50 5.63 21.89
C2 GOL X . 11.87 4.90 19.63
O2 GOL X . 11.02 3.81 19.84
C3 GOL X . 12.90 4.51 18.57
O3 GOL X . 12.31 4.71 17.27
#